data_8YXB
#
_entry.id   8YXB
#
_cell.length_a   38.893
_cell.length_b   93.786
_cell.length_c   94.747
_cell.angle_alpha   105.730
_cell.angle_beta   100.030
_cell.angle_gamma   89.710
#
_symmetry.space_group_name_H-M   'P 1'
#
loop_
_entity.id
_entity.type
_entity.pdbx_description
1 polymer 'Serum albumin'
2 non-polymer Ceftriaxone
3 non-polymer 'MYRISTIC ACID'
4 water water
#
_entity_poly.entity_id   1
_entity_poly.type   'polypeptide(L)'
_entity_poly.pdbx_seq_one_letter_code
;DAHKSEVAHRFKDLGEENFKALVLIAFAQYLQQCPFEDHVKLVNEVTEFAKTCVADESAENCDKSLHTLFGDKLCTVATL
RETYGEMADCCAKQEPERNECFLQHKDDNPNLPRLVRPEVDVMCTAFHDNEETFLKKYLYEIARRHPYFYAPELLFFAKR
YKAAFTECCQAADKAACLLPKLDELRDEGKASSAKQRLKCASLQKFGERAFKAWAVARLSQRFPKAEFAEVSKLVTDLTK
VHTECCHGDLLECADDRADLAKYICENQDSISSKLKECCEKPLLEKSHCIAEVENDEMPADLPSLAADFVESKDVCKNYA
EAKDVFLGMFLYEYARRHPDYSVVLLLRLAKTYETTLEKCCAAADPHECYAKVFDEFKPLVEEPQNLIKQNCELFEQLGE
YKFQNALLVRYTKKVPQVSTPTLVEVSRNLGKVGSKCCKHPEAKRMPCAEDYLSVVLNQLCVLHEKTPVSDRVTKCCTES
LVNRRPCFSALEVDETYVPKEFNAETFTFHADICTLSEKERQIKKQTALVELVKHKPKATKEQLKAVMDDFAAFVEKCCK
ADDKETCFAEEGKKLVAASQAALGL
;
_entity_poly.pdbx_strand_id   A,B
#
loop_
_chem_comp.id
_chem_comp.type
_chem_comp.name
_chem_comp.formula
9F2 non-polymer Ceftriaxone 'C18 H18 N8 O7 S3'
MYR non-polymer 'MYRISTIC ACID' 'C14 H28 O2'
#
# COMPACT_ATOMS: atom_id res chain seq x y z
N HIS A 3 3.41 16.00 0.69
CA HIS A 3 3.89 16.76 -0.45
C HIS A 3 4.27 18.18 -0.02
N LYS A 4 4.88 18.93 -0.93
CA LYS A 4 5.24 20.31 -0.64
C LYS A 4 4.01 21.18 -0.45
N SER A 5 3.07 21.11 -1.39
CA SER A 5 1.82 21.85 -1.32
C SER A 5 0.67 20.86 -1.35
N GLU A 6 0.06 20.62 -0.19
CA GLU A 6 -1.01 19.64 -0.11
C GLU A 6 -2.26 20.11 -0.83
N VAL A 7 -2.55 21.42 -0.77
CA VAL A 7 -3.73 21.94 -1.47
C VAL A 7 -3.55 21.84 -2.98
N ALA A 8 -2.31 21.97 -3.47
CA ALA A 8 -2.07 21.78 -4.89
C ALA A 8 -2.25 20.32 -5.28
N HIS A 9 -1.82 19.40 -4.42
CA HIS A 9 -1.97 17.97 -4.71
C HIS A 9 -3.44 17.57 -4.76
N ARG A 10 -4.25 18.11 -3.84
CA ARG A 10 -5.69 17.82 -3.87
C ARG A 10 -6.33 18.35 -5.15
N PHE A 11 -5.94 19.55 -5.57
CA PHE A 11 -6.53 20.15 -6.76
C PHE A 11 -6.22 19.33 -8.01
N LYS A 12 -5.01 18.79 -8.10
CA LYS A 12 -4.63 18.02 -9.30
C LYS A 12 -5.30 16.66 -9.32
N ASP A 13 -5.48 16.03 -8.15
CA ASP A 13 -6.09 14.71 -8.09
C ASP A 13 -7.61 14.79 -8.32
N LEU A 14 -8.28 15.70 -7.62
CA LEU A 14 -9.73 15.78 -7.69
C LEU A 14 -10.22 16.44 -8.97
N GLY A 15 -9.47 17.41 -9.48
CA GLY A 15 -9.98 18.24 -10.58
C GLY A 15 -10.70 19.46 -10.06
N GLU A 16 -10.71 20.51 -10.89
CA GLU A 16 -11.24 21.80 -10.45
C GLU A 16 -12.70 21.72 -10.04
N GLU A 17 -13.52 21.00 -10.82
CA GLU A 17 -14.96 20.94 -10.51
C GLU A 17 -15.21 20.20 -9.21
N ASN A 18 -14.62 19.02 -9.05
CA ASN A 18 -14.81 18.27 -7.81
C ASN A 18 -14.19 18.99 -6.62
N PHE A 19 -13.08 19.69 -6.83
CA PHE A 19 -12.45 20.46 -5.76
C PHE A 19 -13.38 21.52 -5.22
N LYS A 20 -13.95 22.35 -6.10
CA LYS A 20 -14.85 23.41 -5.67
C LYS A 20 -16.08 22.84 -4.98
N ALA A 21 -16.61 21.73 -5.49
CA ALA A 21 -17.79 21.12 -4.88
C ALA A 21 -17.48 20.58 -3.49
N LEU A 22 -16.33 19.94 -3.32
CA LEU A 22 -15.97 19.41 -2.01
C LEU A 22 -15.65 20.52 -1.02
N VAL A 23 -15.09 21.64 -1.49
CA VAL A 23 -14.82 22.77 -0.61
C VAL A 23 -16.11 23.43 -0.16
N LEU A 24 -17.11 23.51 -1.06
CA LEU A 24 -18.40 24.04 -0.68
C LEU A 24 -19.04 23.21 0.43
N ILE A 25 -18.98 21.89 0.30
CA ILE A 25 -19.56 21.01 1.32
C ILE A 25 -18.81 21.18 2.65
N ALA A 26 -17.49 21.28 2.59
CA ALA A 26 -16.69 21.38 3.80
C ALA A 26 -17.04 22.64 4.59
N PHE A 27 -17.13 23.78 3.91
CA PHE A 27 -17.47 25.02 4.60
C PHE A 27 -18.92 25.04 5.05
N ALA A 28 -19.82 24.40 4.28
CA ALA A 28 -21.24 24.40 4.65
C ALA A 28 -21.48 23.57 5.90
N GLN A 29 -20.66 22.55 6.15
CA GLN A 29 -20.84 21.69 7.31
C GLN A 29 -20.34 22.35 8.60
N TYR A 30 -19.41 23.29 8.50
CA TYR A 30 -18.93 24.02 9.68
C TYR A 30 -19.71 25.31 9.90
N LEU A 31 -19.97 26.07 8.83
CA LEU A 31 -20.71 27.32 8.91
C LEU A 31 -22.12 27.12 8.38
N GLN A 32 -22.93 26.41 9.16
CA GLN A 32 -24.25 25.98 8.71
C GLN A 32 -25.24 27.12 8.60
N GLN A 33 -24.98 28.25 9.25
CA GLN A 33 -25.93 29.37 9.27
C GLN A 33 -25.61 30.45 8.25
N CYS A 34 -24.45 30.39 7.59
CA CYS A 34 -24.10 31.41 6.62
C CYS A 34 -24.88 31.21 5.31
N PRO A 35 -25.24 32.30 4.64
CA PRO A 35 -26.04 32.17 3.42
C PRO A 35 -25.23 31.56 2.28
N PHE A 36 -25.96 31.17 1.23
CA PHE A 36 -25.34 30.48 0.10
C PHE A 36 -24.34 31.37 -0.62
N GLU A 37 -24.63 32.67 -0.72
CA GLU A 37 -23.76 33.57 -1.46
C GLU A 37 -22.42 33.76 -0.77
N ASP A 38 -22.39 33.70 0.57
CA ASP A 38 -21.13 33.82 1.28
C ASP A 38 -20.23 32.61 1.04
N HIS A 39 -20.82 31.41 0.97
CA HIS A 39 -20.03 30.22 0.73
C HIS A 39 -19.51 30.16 -0.70
N VAL A 40 -20.27 30.69 -1.66
CA VAL A 40 -19.79 30.75 -3.04
C VAL A 40 -18.56 31.65 -3.13
N LYS A 41 -18.54 32.73 -2.35
CA LYS A 41 -17.40 33.63 -2.33
C LYS A 41 -16.19 32.96 -1.69
N LEU A 42 -16.39 32.17 -0.65
CA LEU A 42 -15.29 31.49 0.00
C LEU A 42 -14.70 30.40 -0.90
N VAL A 43 -15.56 29.70 -1.65
CA VAL A 43 -15.08 28.67 -2.56
C VAL A 43 -14.20 29.28 -3.65
N ASN A 44 -14.64 30.38 -4.23
CA ASN A 44 -13.86 31.02 -5.29
C ASN A 44 -12.53 31.53 -4.78
N GLU A 45 -12.46 31.97 -3.51
CA GLU A 45 -11.21 32.44 -2.94
C GLU A 45 -10.25 31.29 -2.67
N VAL A 46 -10.77 30.18 -2.14
CA VAL A 46 -9.94 29.00 -1.90
C VAL A 46 -9.48 28.41 -3.22
N THR A 47 -10.36 28.37 -4.22
CA THR A 47 -10.01 27.80 -5.51
C THR A 47 -8.95 28.66 -6.21
N GLU A 48 -9.09 29.99 -6.14
CA GLU A 48 -8.10 30.86 -6.77
C GLU A 48 -6.76 30.77 -6.06
N PHE A 49 -6.77 30.56 -4.74
CA PHE A 49 -5.51 30.34 -4.02
C PHE A 49 -4.90 29.00 -4.39
N ALA A 50 -5.73 27.96 -4.57
CA ALA A 50 -5.21 26.66 -4.94
C ALA A 50 -4.53 26.70 -6.30
N LYS A 51 -5.02 27.53 -7.22
CA LYS A 51 -4.41 27.64 -8.54
C LYS A 51 -3.02 28.25 -8.46
N THR A 52 -2.79 29.16 -7.51
CA THR A 52 -1.44 29.71 -7.33
C THR A 52 -0.47 28.66 -6.85
N CYS A 53 -0.94 27.69 -6.05
CA CYS A 53 -0.09 26.62 -5.58
C CYS A 53 0.19 25.60 -6.67
N VAL A 54 -0.78 25.34 -7.55
CA VAL A 54 -0.55 24.44 -8.67
C VAL A 54 0.49 25.02 -9.60
N ALA A 55 0.43 26.34 -9.85
CA ALA A 55 1.43 26.98 -10.69
C ALA A 55 2.80 27.00 -10.03
N ASP A 56 2.84 27.23 -8.72
CA ASP A 56 4.10 27.26 -7.98
C ASP A 56 3.82 26.77 -6.57
N GLU A 57 4.25 25.53 -6.27
CA GLU A 57 4.05 24.98 -4.94
C GLU A 57 4.87 25.68 -3.87
N SER A 58 5.85 26.50 -4.26
CA SER A 58 6.64 27.26 -3.31
C SER A 58 6.05 28.63 -3.02
N ALA A 59 4.88 28.94 -3.55
CA ALA A 59 4.24 30.22 -3.29
C ALA A 59 3.83 30.33 -1.82
N GLU A 60 3.53 31.55 -1.40
CA GLU A 60 3.24 31.83 0.00
C GLU A 60 2.03 31.02 0.47
N ASN A 61 2.16 30.46 1.67
CA ASN A 61 1.14 29.68 2.39
C ASN A 61 0.79 28.37 1.69
N CYS A 62 1.41 28.05 0.55
CA CYS A 62 1.10 26.80 -0.13
C CYS A 62 1.65 25.59 0.61
N ASP A 63 2.65 25.78 1.47
CA ASP A 63 3.23 24.68 2.22
C ASP A 63 2.44 24.35 3.50
N LYS A 64 1.46 25.15 3.85
CA LYS A 64 0.68 24.90 5.06
C LYS A 64 -0.21 23.67 4.89
N SER A 65 -0.60 23.08 6.00
CA SER A 65 -1.47 21.92 5.97
C SER A 65 -2.89 22.32 5.59
N LEU A 66 -3.67 21.33 5.16
CA LEU A 66 -5.06 21.60 4.80
C LEU A 66 -5.86 22.05 6.01
N HIS A 67 -5.61 21.45 7.17
CA HIS A 67 -6.29 21.87 8.39
C HIS A 67 -5.93 23.30 8.77
N THR A 68 -4.66 23.66 8.61
CA THR A 68 -4.25 25.05 8.91
C THR A 68 -4.90 26.02 7.95
N LEU A 69 -4.86 25.72 6.64
CA LEU A 69 -5.46 26.61 5.65
C LEU A 69 -6.97 26.70 5.83
N PHE A 70 -7.63 25.57 6.10
CA PHE A 70 -9.06 25.59 6.31
C PHE A 70 -9.42 26.32 7.60
N GLY A 71 -8.67 26.07 8.68
CA GLY A 71 -8.95 26.72 9.94
C GLY A 71 -8.71 28.22 9.91
N ASP A 72 -7.62 28.64 9.24
CA ASP A 72 -7.37 30.07 9.09
C ASP A 72 -8.46 30.74 8.28
N LYS A 73 -8.95 30.06 7.23
CA LYS A 73 -10.02 30.62 6.43
C LYS A 73 -11.34 30.63 7.18
N LEU A 74 -11.57 29.63 8.03
CA LEU A 74 -12.80 29.62 8.83
C LEU A 74 -12.83 30.76 9.83
N CYS A 75 -11.65 31.18 10.31
CA CYS A 75 -11.54 32.24 11.31
C CYS A 75 -11.48 33.63 10.69
N THR A 76 -11.51 33.74 9.37
CA THR A 76 -11.56 35.04 8.71
C THR A 76 -12.99 35.54 8.53
N VAL A 77 -13.99 34.70 8.80
CA VAL A 77 -15.38 35.11 8.66
C VAL A 77 -15.71 36.17 9.71
N ALA A 78 -16.23 37.31 9.25
CA ALA A 78 -16.49 38.42 10.17
C ALA A 78 -17.66 38.12 11.10
N THR A 79 -18.66 37.36 10.64
CA THR A 79 -19.83 37.03 11.44
C THR A 79 -19.62 35.79 12.30
N LEU A 80 -18.37 35.36 12.51
CA LEU A 80 -18.13 34.14 13.26
C LEU A 80 -18.47 34.31 14.74
N ARG A 81 -18.11 35.45 15.33
CA ARG A 81 -18.38 35.67 16.75
C ARG A 81 -19.87 35.86 17.00
N GLU A 82 -20.56 36.60 16.13
CA GLU A 82 -21.96 36.94 16.37
C GLU A 82 -22.88 35.77 16.08
N THR A 83 -22.62 35.02 15.01
CA THR A 83 -23.50 33.93 14.59
C THR A 83 -23.22 32.62 15.33
N TYR A 84 -21.95 32.24 15.48
CA TYR A 84 -21.60 30.95 16.06
C TYR A 84 -21.04 31.05 17.47
N GLY A 85 -20.61 32.23 17.90
CA GLY A 85 -20.21 32.45 19.28
C GLY A 85 -19.02 31.65 19.76
N GLU A 86 -19.30 30.51 20.41
CA GLU A 86 -18.24 29.70 20.99
C GLU A 86 -17.30 29.13 19.94
N MET A 87 -17.73 29.05 18.69
CA MET A 87 -16.85 28.60 17.63
C MET A 87 -15.74 29.60 17.35
N ALA A 88 -15.97 30.89 17.65
CA ALA A 88 -14.92 31.89 17.48
C ALA A 88 -13.84 31.73 18.53
N ASP A 89 -14.16 31.17 19.70
CA ASP A 89 -13.15 30.89 20.70
C ASP A 89 -12.21 29.78 20.27
N CYS A 90 -12.63 28.95 19.31
CA CYS A 90 -11.73 27.93 18.77
C CYS A 90 -10.53 28.56 18.07
N CYS A 91 -10.71 29.76 17.52
CA CYS A 91 -9.66 30.42 16.75
C CYS A 91 -8.48 30.85 17.61
N ALA A 92 -8.61 30.82 18.93
CA ALA A 92 -7.51 31.16 19.83
C ALA A 92 -6.67 29.94 20.20
N LYS A 93 -6.82 28.83 19.49
CA LYS A 93 -6.07 27.62 19.77
C LYS A 93 -5.21 27.25 18.57
N GLN A 94 -4.19 26.43 18.83
CA GLN A 94 -3.36 25.91 17.76
C GLN A 94 -4.12 24.88 16.94
N GLU A 95 -3.59 24.56 15.77
CA GLU A 95 -4.32 23.72 14.82
C GLU A 95 -4.71 22.36 15.37
N PRO A 96 -3.86 21.62 16.12
CA PRO A 96 -4.33 20.34 16.68
C PRO A 96 -5.56 20.49 17.56
N GLU A 97 -5.66 21.56 18.33
CA GLU A 97 -6.81 21.78 19.19
C GLU A 97 -7.89 22.64 18.53
N ARG A 98 -7.54 23.42 17.51
CA ARG A 98 -8.53 24.29 16.87
C ARG A 98 -9.54 23.48 16.09
N ASN A 99 -9.08 22.52 15.29
CA ASN A 99 -10.00 21.71 14.49
C ASN A 99 -10.86 20.81 15.38
N GLU A 100 -10.28 20.26 16.45
CA GLU A 100 -11.07 19.49 17.40
C GLU A 100 -12.14 20.36 18.05
N CYS A 101 -11.79 21.62 18.33
CA CYS A 101 -12.79 22.56 18.84
C CYS A 101 -13.86 22.85 17.81
N PHE A 102 -13.51 22.85 16.52
CA PHE A 102 -14.50 23.04 15.47
C PHE A 102 -15.44 21.84 15.37
N LEU A 103 -14.88 20.63 15.49
CA LEU A 103 -15.70 19.42 15.39
C LEU A 103 -16.70 19.33 16.54
N GLN A 104 -16.33 19.83 17.73
CA GLN A 104 -17.23 19.77 18.86
C GLN A 104 -18.43 20.70 18.72
N HIS A 105 -18.35 21.70 17.84
CA HIS A 105 -19.41 22.66 17.65
C HIS A 105 -20.23 22.42 16.39
N LYS A 106 -20.01 21.30 15.70
CA LYS A 106 -20.89 20.91 14.61
C LYS A 106 -22.24 20.50 15.18
N ASP A 107 -23.31 21.12 14.68
CA ASP A 107 -24.66 20.86 15.16
C ASP A 107 -25.26 19.75 14.31
N ASP A 108 -25.39 18.56 14.88
CA ASP A 108 -25.98 17.44 14.15
C ASP A 108 -27.47 17.62 13.92
N ASN A 109 -28.14 18.43 14.74
CA ASN A 109 -29.57 18.71 14.59
C ASN A 109 -29.78 20.21 14.53
N PRO A 110 -29.50 20.84 13.38
CA PRO A 110 -29.74 22.27 13.25
C PRO A 110 -31.23 22.57 13.05
N ASN A 111 -31.63 23.76 13.49
CA ASN A 111 -33.02 24.19 13.40
C ASN A 111 -33.21 24.99 12.11
N LEU A 112 -33.28 24.26 10.99
CA LEU A 112 -33.49 24.83 9.68
C LEU A 112 -34.86 24.43 9.14
N PRO A 113 -35.51 25.31 8.39
CA PRO A 113 -36.84 24.98 7.86
C PRO A 113 -36.77 23.88 6.81
N ARG A 114 -37.89 23.19 6.66
CA ARG A 114 -37.99 22.08 5.72
C ARG A 114 -37.82 22.58 4.29
N LEU A 115 -37.11 21.80 3.48
CA LEU A 115 -36.97 22.12 2.06
C LEU A 115 -38.26 21.79 1.33
N VAL A 116 -38.79 22.78 0.60
CA VAL A 116 -40.03 22.63 -0.14
C VAL A 116 -39.68 22.40 -1.61
N ARG A 117 -40.26 21.36 -2.19
CA ARG A 117 -40.02 21.06 -3.60
C ARG A 117 -40.74 22.06 -4.48
N PRO A 118 -40.03 22.80 -5.34
CA PRO A 118 -40.72 23.75 -6.23
C PRO A 118 -41.52 23.04 -7.30
N GLU A 119 -42.25 23.80 -8.10
CA GLU A 119 -42.96 23.23 -9.24
C GLU A 119 -41.97 22.70 -10.27
N VAL A 120 -42.42 21.71 -11.04
CA VAL A 120 -41.54 21.06 -12.01
C VAL A 120 -41.06 22.06 -13.05
N ASP A 121 -41.96 22.93 -13.52
CA ASP A 121 -41.58 23.93 -14.51
C ASP A 121 -40.60 24.94 -13.93
N VAL A 122 -40.71 25.26 -12.64
CA VAL A 122 -39.77 26.17 -12.01
C VAL A 122 -38.39 25.54 -11.90
N MET A 123 -38.34 24.26 -11.53
CA MET A 123 -37.05 23.58 -11.38
C MET A 123 -36.35 23.44 -12.73
N CYS A 124 -37.07 23.00 -13.76
CA CYS A 124 -36.46 22.82 -15.08
C CYS A 124 -35.95 24.15 -15.65
N THR A 125 -36.73 25.22 -15.46
CA THR A 125 -36.25 26.53 -15.90
C THR A 125 -35.00 26.95 -15.13
N ALA A 126 -35.00 26.76 -13.81
CA ALA A 126 -33.83 27.11 -13.02
C ALA A 126 -32.64 26.24 -13.38
N PHE A 127 -32.86 24.95 -13.65
CA PHE A 127 -31.78 24.06 -14.03
C PHE A 127 -31.17 24.47 -15.37
N HIS A 128 -31.97 25.05 -16.27
CA HIS A 128 -31.46 25.47 -17.57
C HIS A 128 -30.74 26.82 -17.48
N ASP A 129 -31.27 27.75 -16.67
CA ASP A 129 -30.70 29.09 -16.63
C ASP A 129 -29.30 29.08 -16.03
N ASN A 130 -29.13 28.45 -14.87
CA ASN A 130 -27.83 28.36 -14.20
C ASN A 130 -27.71 26.96 -13.61
N GLU A 131 -27.18 26.03 -14.40
CA GLU A 131 -27.08 24.64 -13.96
C GLU A 131 -26.09 24.47 -12.82
N GLU A 132 -25.01 25.26 -12.79
CA GLU A 132 -24.00 25.09 -11.76
C GLU A 132 -24.53 25.49 -10.39
N THR A 133 -25.06 26.70 -10.26
CA THR A 133 -25.60 27.14 -8.97
C THR A 133 -26.78 26.28 -8.54
N PHE A 134 -27.52 25.72 -9.50
CA PHE A 134 -28.60 24.81 -9.17
C PHE A 134 -28.08 23.62 -8.36
N LEU A 135 -27.05 22.96 -8.88
CA LEU A 135 -26.49 21.80 -8.19
C LEU A 135 -25.73 22.20 -6.94
N LYS A 136 -25.14 23.40 -6.93
CA LYS A 136 -24.41 23.83 -5.74
C LYS A 136 -25.36 24.20 -4.60
N LYS A 137 -26.53 24.74 -4.92
CA LYS A 137 -27.52 25.00 -3.89
C LYS A 137 -27.96 23.70 -3.22
N TYR A 138 -28.07 22.62 -4.00
CA TYR A 138 -28.42 21.33 -3.42
C TYR A 138 -27.33 20.87 -2.43
N LEU A 139 -26.07 20.93 -2.85
CA LEU A 139 -24.97 20.54 -1.96
C LEU A 139 -24.96 21.38 -0.70
N TYR A 140 -25.22 22.68 -0.84
CA TYR A 140 -25.20 23.57 0.32
C TYR A 140 -26.29 23.21 1.31
N GLU A 141 -27.52 22.99 0.83
CA GLU A 141 -28.64 22.77 1.73
C GLU A 141 -28.50 21.44 2.48
N ILE A 142 -27.99 20.40 1.81
CA ILE A 142 -27.89 19.10 2.45
C ILE A 142 -26.69 19.03 3.39
N ALA A 143 -25.58 19.68 3.02
CA ALA A 143 -24.39 19.64 3.85
C ALA A 143 -24.62 20.37 5.18
N ARG A 144 -25.26 21.54 5.14
CA ARG A 144 -25.52 22.29 6.35
C ARG A 144 -26.51 21.58 7.27
N ARG A 145 -27.33 20.68 6.73
CA ARG A 145 -28.25 19.91 7.54
C ARG A 145 -27.67 18.58 8.01
N HIS A 146 -26.54 18.15 7.46
CA HIS A 146 -25.90 16.90 7.85
C HIS A 146 -24.39 17.11 7.86
N PRO A 147 -23.85 17.63 8.97
CA PRO A 147 -22.42 18.01 8.98
C PRO A 147 -21.47 16.82 8.90
N TYR A 148 -21.94 15.60 9.12
CA TYR A 148 -21.10 14.42 9.06
C TYR A 148 -21.32 13.61 7.78
N PHE A 149 -22.18 14.08 6.89
CA PHE A 149 -22.41 13.38 5.63
C PHE A 149 -21.14 13.35 4.80
N TYR A 150 -20.74 12.16 4.36
CA TYR A 150 -19.52 11.98 3.59
C TYR A 150 -19.57 12.80 2.30
N ALA A 151 -18.73 13.82 2.21
CA ALA A 151 -18.83 14.79 1.11
C ALA A 151 -18.74 14.16 -0.28
N PRO A 152 -17.85 13.21 -0.58
CA PRO A 152 -17.89 12.59 -1.92
C PRO A 152 -19.21 11.91 -2.22
N GLU A 153 -19.83 11.28 -1.24
CA GLU A 153 -21.15 10.68 -1.46
C GLU A 153 -22.18 11.73 -1.80
N LEU A 154 -22.03 12.95 -1.26
CA LEU A 154 -22.93 14.04 -1.61
C LEU A 154 -22.75 14.45 -3.07
N LEU A 155 -21.51 14.40 -3.56
CA LEU A 155 -21.27 14.63 -4.99
C LEU A 155 -21.92 13.55 -5.83
N PHE A 156 -21.92 12.30 -5.33
CA PHE A 156 -22.55 11.21 -6.07
C PHE A 156 -24.04 11.45 -6.26
N PHE A 157 -24.71 11.99 -5.25
CA PHE A 157 -26.13 12.29 -5.37
C PHE A 157 -26.37 13.49 -6.29
N ALA A 158 -25.49 14.51 -6.21
CA ALA A 158 -25.67 15.70 -7.03
C ALA A 158 -25.58 15.37 -8.51
N LYS A 159 -24.68 14.46 -8.88
CA LYS A 159 -24.55 14.06 -10.28
C LYS A 159 -25.75 13.24 -10.74
N ARG A 160 -26.45 12.57 -9.82
CA ARG A 160 -27.68 11.88 -10.20
C ARG A 160 -28.84 12.84 -10.38
N TYR A 161 -28.89 13.93 -9.62
CA TYR A 161 -29.88 14.97 -9.88
C TYR A 161 -29.66 15.60 -11.25
N LYS A 162 -28.40 15.85 -11.60
CA LYS A 162 -28.10 16.42 -12.92
C LYS A 162 -28.59 15.51 -14.03
N ALA A 163 -28.41 14.20 -13.88
CA ALA A 163 -28.91 13.26 -14.88
C ALA A 163 -30.44 13.23 -14.89
N ALA A 164 -31.06 13.40 -13.72
CA ALA A 164 -32.52 13.39 -13.65
C ALA A 164 -33.12 14.59 -14.37
N PHE A 165 -32.58 15.79 -14.09
CA PHE A 165 -33.11 16.99 -14.73
C PHE A 165 -32.77 17.05 -16.21
N THR A 166 -31.61 16.51 -16.60
CA THR A 166 -31.24 16.51 -18.02
C THR A 166 -32.19 15.67 -18.84
N GLU A 167 -32.55 14.49 -18.33
CA GLU A 167 -33.44 13.60 -19.08
C GLU A 167 -34.90 14.07 -19.02
N CYS A 168 -35.37 14.47 -17.85
CA CYS A 168 -36.80 14.68 -17.67
C CYS A 168 -37.26 16.05 -18.17
N CYS A 169 -36.40 17.06 -18.11
CA CYS A 169 -36.82 18.39 -18.57
C CYS A 169 -36.94 18.49 -20.08
N GLN A 170 -36.60 17.43 -20.82
CA GLN A 170 -36.80 17.40 -22.27
C GLN A 170 -37.83 16.36 -22.70
N ALA A 171 -38.48 15.69 -21.75
CA ALA A 171 -39.51 14.70 -22.08
C ALA A 171 -40.85 15.38 -22.31
N ALA A 172 -41.80 14.61 -22.85
CA ALA A 172 -43.12 15.15 -23.14
C ALA A 172 -43.89 15.45 -21.86
N ASP A 173 -43.76 14.60 -20.84
CA ASP A 173 -44.39 14.80 -19.54
C ASP A 173 -43.26 14.91 -18.51
N LYS A 174 -42.91 16.14 -18.15
CA LYS A 174 -41.79 16.36 -17.24
C LYS A 174 -42.10 15.84 -15.84
N ALA A 175 -43.32 16.08 -15.35
CA ALA A 175 -43.66 15.71 -13.98
C ALA A 175 -43.68 14.19 -13.81
N ALA A 176 -44.20 13.46 -14.79
CA ALA A 176 -44.23 12.00 -14.70
C ALA A 176 -42.84 11.41 -14.72
N CYS A 177 -41.88 12.10 -15.34
CA CYS A 177 -40.50 11.62 -15.40
C CYS A 177 -39.74 12.00 -14.14
N LEU A 178 -39.84 13.27 -13.72
CA LEU A 178 -38.94 13.82 -12.72
C LEU A 178 -39.37 13.47 -11.30
N LEU A 179 -40.67 13.54 -11.00
CA LEU A 179 -41.12 13.33 -9.63
C LEU A 179 -40.78 11.95 -9.07
N PRO A 180 -40.92 10.84 -9.80
CA PRO A 180 -40.45 9.57 -9.24
C PRO A 180 -38.96 9.53 -8.99
N LYS A 181 -38.16 10.19 -9.83
CA LYS A 181 -36.72 10.20 -9.62
C LYS A 181 -36.34 11.11 -8.45
N LEU A 182 -37.07 12.20 -8.24
CA LEU A 182 -36.78 13.06 -7.09
C LEU A 182 -37.16 12.38 -5.78
N ASP A 183 -38.29 11.69 -5.75
CA ASP A 183 -38.66 10.94 -4.55
C ASP A 183 -37.65 9.85 -4.24
N GLU A 184 -37.09 9.22 -5.28
CA GLU A 184 -36.07 8.20 -5.07
C GLU A 184 -34.79 8.80 -4.51
N LEU A 185 -34.32 9.90 -5.10
CA LEU A 185 -33.11 10.55 -4.61
C LEU A 185 -33.30 11.13 -3.22
N ARG A 186 -34.50 11.62 -2.92
CA ARG A 186 -34.77 12.16 -1.59
C ARG A 186 -34.72 11.06 -0.52
N ASP A 187 -35.38 9.93 -0.79
CA ASP A 187 -35.43 8.86 0.20
C ASP A 187 -34.07 8.22 0.40
N GLU A 188 -33.32 8.00 -0.69
CA GLU A 188 -31.98 7.42 -0.56
C GLU A 188 -31.03 8.37 0.14
N GLY A 189 -31.20 9.68 -0.05
CA GLY A 189 -30.36 10.63 0.66
C GLY A 189 -30.66 10.68 2.14
N LYS A 190 -31.94 10.68 2.51
CA LYS A 190 -32.32 10.65 3.92
C LYS A 190 -31.95 9.32 4.57
N ALA A 191 -32.05 8.22 3.83
CA ALA A 191 -31.67 6.92 4.38
C ALA A 191 -30.16 6.81 4.57
N SER A 192 -29.39 7.41 3.66
CA SER A 192 -27.93 7.35 3.78
C SER A 192 -27.46 8.02 5.06
N SER A 193 -27.93 9.25 5.31
CA SER A 193 -27.55 9.95 6.53
C SER A 193 -28.11 9.26 7.77
N ALA A 194 -29.28 8.62 7.66
CA ALA A 194 -29.85 7.92 8.80
C ALA A 194 -29.04 6.66 9.12
N LYS A 195 -28.57 5.95 8.10
CA LYS A 195 -27.75 4.76 8.33
C LYS A 195 -26.41 5.14 8.95
N GLN A 196 -25.84 6.28 8.57
CA GLN A 196 -24.58 6.71 9.15
C GLN A 196 -24.75 7.08 10.62
N ARG A 197 -25.82 7.80 10.95
CA ARG A 197 -26.04 8.20 12.34
C ARG A 197 -26.25 6.97 13.24
N LEU A 198 -26.98 5.97 12.75
CA LEU A 198 -27.23 4.78 13.56
C LEU A 198 -25.95 3.96 13.74
N LYS A 199 -25.18 3.78 12.67
CA LYS A 199 -23.96 3.00 12.75
C LYS A 199 -22.93 3.69 13.65
N CYS A 200 -22.87 5.02 13.61
CA CYS A 200 -21.93 5.74 14.46
C CYS A 200 -22.34 5.68 15.93
N ALA A 201 -23.64 5.81 16.21
CA ALA A 201 -24.10 5.75 17.59
C ALA A 201 -23.95 4.35 18.17
N SER A 202 -24.16 3.33 17.34
CA SER A 202 -24.00 1.96 17.81
C SER A 202 -22.53 1.62 18.06
N LEU A 203 -21.62 2.23 17.31
CA LEU A 203 -20.20 2.00 17.53
C LEU A 203 -19.75 2.55 18.88
N GLN A 204 -20.34 3.66 19.32
CA GLN A 204 -19.94 4.27 20.58
C GLN A 204 -20.56 3.56 21.79
N LYS A 205 -21.78 3.04 21.63
CA LYS A 205 -22.47 2.39 22.73
C LYS A 205 -22.07 0.92 22.88
N PHE A 206 -22.32 0.12 21.85
CA PHE A 206 -22.09 -1.32 21.92
C PHE A 206 -20.62 -1.70 21.79
N GLY A 207 -19.73 -0.74 21.56
CA GLY A 207 -18.30 -1.00 21.55
C GLY A 207 -17.79 -1.42 20.17
N GLU A 208 -16.46 -1.57 20.11
CA GLU A 208 -15.80 -1.92 18.86
C GLU A 208 -15.93 -3.41 18.53
N ARG A 209 -16.03 -4.26 19.55
CA ARG A 209 -16.13 -5.69 19.31
C ARG A 209 -17.38 -6.04 18.51
N ALA A 210 -18.53 -5.47 18.91
CA ALA A 210 -19.78 -5.75 18.20
C ALA A 210 -19.73 -5.23 16.77
N PHE A 211 -19.00 -4.14 16.53
CA PHE A 211 -18.88 -3.63 15.16
C PHE A 211 -18.02 -4.55 14.31
N LYS A 212 -16.92 -5.07 14.88
CA LYS A 212 -16.08 -6.00 14.13
C LYS A 212 -16.83 -7.29 13.82
N ALA A 213 -17.63 -7.77 14.77
CA ALA A 213 -18.44 -8.96 14.51
C ALA A 213 -19.42 -8.71 13.36
N TRP A 214 -19.99 -7.51 13.30
CA TRP A 214 -20.83 -7.15 12.17
C TRP A 214 -20.02 -7.07 10.89
N ALA A 215 -18.83 -6.47 10.95
CA ALA A 215 -18.00 -6.33 9.76
C ALA A 215 -17.52 -7.68 9.25
N VAL A 216 -17.17 -8.59 10.16
CA VAL A 216 -16.73 -9.92 9.74
C VAL A 216 -17.84 -10.62 8.97
N ALA A 217 -19.07 -10.57 9.48
CA ALA A 217 -20.19 -11.24 8.82
C ALA A 217 -20.46 -10.63 7.45
N ARG A 218 -20.54 -9.30 7.39
CA ARG A 218 -20.90 -8.66 6.13
C ARG A 218 -19.79 -8.78 5.09
N LEU A 219 -18.53 -8.63 5.50
CA LEU A 219 -17.43 -8.76 4.55
C LEU A 219 -17.29 -10.19 4.05
N SER A 220 -17.54 -11.17 4.93
CA SER A 220 -17.46 -12.56 4.50
C SER A 220 -18.56 -12.91 3.51
N GLN A 221 -19.76 -12.34 3.70
CA GLN A 221 -20.79 -12.46 2.67
C GLN A 221 -20.38 -11.78 1.38
N ARG A 222 -19.74 -10.60 1.50
CA ARG A 222 -19.34 -9.85 0.32
C ARG A 222 -18.21 -10.53 -0.42
N PHE A 223 -17.19 -11.01 0.31
CA PHE A 223 -15.99 -11.61 -0.26
C PHE A 223 -15.84 -13.03 0.28
N PRO A 224 -16.61 -13.98 -0.25
CA PRO A 224 -16.52 -15.35 0.27
C PRO A 224 -15.27 -16.10 -0.17
N LYS A 225 -14.64 -15.70 -1.27
CA LYS A 225 -13.43 -16.37 -1.74
C LYS A 225 -12.18 -15.98 -0.97
N ALA A 226 -12.24 -14.94 -0.14
CA ALA A 226 -11.08 -14.48 0.58
C ALA A 226 -10.83 -15.34 1.81
N GLU A 227 -9.55 -15.45 2.19
CA GLU A 227 -9.20 -16.18 3.40
C GLU A 227 -9.60 -15.39 4.64
N PHE A 228 -9.60 -16.07 5.78
CA PHE A 228 -9.96 -15.40 7.03
C PHE A 228 -8.96 -14.33 7.41
N ALA A 229 -7.68 -14.54 7.09
CA ALA A 229 -6.67 -13.52 7.38
C ALA A 229 -6.93 -12.26 6.57
N GLU A 230 -7.39 -12.41 5.32
CA GLU A 230 -7.69 -11.24 4.50
C GLU A 230 -8.91 -10.50 5.01
N VAL A 231 -9.97 -11.24 5.36
CA VAL A 231 -11.18 -10.62 5.89
C VAL A 231 -10.88 -9.92 7.21
N SER A 232 -10.07 -10.55 8.06
CA SER A 232 -9.72 -9.94 9.34
C SER A 232 -8.90 -8.68 9.15
N LYS A 233 -8.06 -8.64 8.12
CA LYS A 233 -7.29 -7.43 7.83
C LYS A 233 -8.19 -6.32 7.30
N LEU A 234 -9.21 -6.68 6.51
CA LEU A 234 -10.15 -5.69 6.02
C LEU A 234 -11.06 -5.18 7.13
N VAL A 235 -11.43 -6.05 8.07
CA VAL A 235 -12.28 -5.63 9.18
C VAL A 235 -11.54 -4.64 10.07
N THR A 236 -10.26 -4.87 10.33
CA THR A 236 -9.47 -3.94 11.12
C THR A 236 -9.41 -2.57 10.45
N ASP A 237 -9.16 -2.54 9.15
CA ASP A 237 -9.11 -1.27 8.43
C ASP A 237 -10.48 -0.62 8.35
N LEU A 238 -11.53 -1.42 8.13
CA LEU A 238 -12.87 -0.87 8.05
C LEU A 238 -13.31 -0.27 9.38
N THR A 239 -12.95 -0.92 10.49
CA THR A 239 -13.28 -0.37 11.80
C THR A 239 -12.57 0.95 12.04
N LYS A 240 -11.30 1.04 11.63
CA LYS A 240 -10.58 2.31 11.76
C LYS A 240 -11.19 3.39 10.89
N VAL A 241 -11.69 3.01 9.71
CA VAL A 241 -12.31 3.99 8.81
C VAL A 241 -13.58 4.55 9.44
N HIS A 242 -14.46 3.67 9.91
CA HIS A 242 -15.73 4.13 10.48
C HIS A 242 -15.51 4.90 11.77
N THR A 243 -14.52 4.53 12.57
CA THR A 243 -14.27 5.25 13.82
C THR A 243 -13.90 6.71 13.56
N GLU A 244 -13.09 6.96 12.53
CA GLU A 244 -12.67 8.33 12.25
C GLU A 244 -13.72 9.09 11.46
N CYS A 245 -14.40 8.42 10.51
CA CYS A 245 -15.47 9.09 9.78
C CYS A 245 -16.61 9.50 10.69
N CYS A 246 -16.87 8.70 11.75
CA CYS A 246 -17.86 9.10 12.74
C CYS A 246 -17.38 10.26 13.61
N HIS A 247 -16.07 10.51 13.66
CA HIS A 247 -15.56 11.59 14.51
C HIS A 247 -15.85 12.96 13.92
N GLY A 248 -15.88 13.06 12.58
CA GLY A 248 -16.23 14.30 11.90
C GLY A 248 -15.13 14.89 11.05
N ASP A 249 -13.87 14.52 11.29
CA ASP A 249 -12.76 15.05 10.50
C ASP A 249 -12.86 14.51 9.07
N LEU A 250 -13.27 15.38 8.14
CA LEU A 250 -13.45 14.94 6.76
C LEU A 250 -12.15 14.52 6.10
N LEU A 251 -11.03 15.17 6.46
CA LEU A 251 -9.76 14.86 5.83
C LEU A 251 -9.29 13.45 6.17
N GLU A 252 -9.25 13.12 7.47
CA GLU A 252 -8.82 11.79 7.88
C GLU A 252 -9.79 10.72 7.40
N CYS A 253 -11.08 11.04 7.32
CA CYS A 253 -12.06 10.06 6.86
C CYS A 253 -11.82 9.69 5.39
N ALA A 254 -11.58 10.69 4.54
CA ALA A 254 -11.44 10.45 3.11
C ALA A 254 -10.11 9.77 2.78
N ASP A 255 -9.04 10.14 3.48
CA ASP A 255 -7.75 9.49 3.23
C ASP A 255 -7.78 8.03 3.65
N ASP A 256 -8.48 7.72 4.75
CA ASP A 256 -8.61 6.33 5.18
C ASP A 256 -9.37 5.51 4.14
N ARG A 257 -10.49 6.03 3.65
CA ARG A 257 -11.24 5.33 2.62
C ARG A 257 -10.44 5.22 1.33
N ALA A 258 -9.63 6.22 1.01
CA ALA A 258 -8.79 6.15 -0.17
C ALA A 258 -7.74 5.05 -0.04
N ASP A 259 -7.11 4.95 1.13
CA ASP A 259 -6.10 3.91 1.35
C ASP A 259 -6.72 2.52 1.37
N LEU A 260 -7.95 2.40 1.87
CA LEU A 260 -8.60 1.09 1.92
C LEU A 260 -9.00 0.63 0.52
N ALA A 261 -9.59 1.53 -0.27
CA ALA A 261 -9.96 1.18 -1.64
C ALA A 261 -8.73 0.90 -2.50
N LYS A 262 -7.62 1.60 -2.23
CA LYS A 262 -6.40 1.34 -2.97
C LYS A 262 -5.86 -0.06 -2.68
N TYR A 263 -5.90 -0.46 -1.40
CA TYR A 263 -5.43 -1.80 -1.05
C TYR A 263 -6.34 -2.88 -1.64
N ILE A 264 -7.65 -2.69 -1.54
CA ILE A 264 -8.60 -3.68 -2.07
C ILE A 264 -8.41 -3.85 -3.57
N CYS A 265 -8.19 -2.74 -4.28
CA CYS A 265 -8.01 -2.82 -5.73
C CYS A 265 -6.67 -3.43 -6.12
N GLU A 266 -5.68 -3.42 -5.23
CA GLU A 266 -4.40 -4.04 -5.51
C GLU A 266 -4.35 -5.51 -5.12
N ASN A 267 -5.38 -6.02 -4.45
CA ASN A 267 -5.43 -7.42 -4.01
C ASN A 267 -6.77 -8.04 -4.38
N GLN A 268 -7.24 -7.81 -5.61
CA GLN A 268 -8.53 -8.34 -6.02
C GLN A 268 -8.53 -9.86 -6.06
N ASP A 269 -7.41 -10.45 -6.50
CA ASP A 269 -7.32 -11.91 -6.57
C ASP A 269 -7.41 -12.56 -5.19
N SER A 270 -7.15 -11.80 -4.13
CA SER A 270 -7.23 -12.31 -2.76
C SER A 270 -8.50 -11.87 -2.05
N ILE A 271 -9.41 -11.19 -2.74
CA ILE A 271 -10.59 -10.61 -2.10
C ILE A 271 -11.86 -10.97 -2.87
N SER A 272 -12.00 -10.47 -4.09
CA SER A 272 -13.22 -10.71 -4.86
C SER A 272 -12.93 -10.51 -6.34
N SER A 273 -13.79 -11.09 -7.17
CA SER A 273 -13.70 -10.95 -8.62
C SER A 273 -14.65 -9.91 -9.17
N LYS A 274 -15.60 -9.41 -8.36
CA LYS A 274 -16.57 -8.43 -8.80
C LYS A 274 -16.04 -6.99 -8.73
N LEU A 275 -14.76 -6.81 -8.44
CA LEU A 275 -14.18 -5.50 -8.20
C LEU A 275 -13.54 -4.89 -9.44
N LYS A 276 -13.78 -5.46 -10.62
CA LYS A 276 -13.15 -4.94 -11.83
C LYS A 276 -13.73 -3.58 -12.23
N GLU A 277 -15.05 -3.42 -12.10
CA GLU A 277 -15.69 -2.17 -12.50
C GLU A 277 -15.38 -1.04 -11.54
N CYS A 278 -15.45 -1.30 -10.24
CA CYS A 278 -15.24 -0.25 -9.25
C CYS A 278 -13.81 0.29 -9.29
N CYS A 279 -12.83 -0.58 -9.50
CA CYS A 279 -11.43 -0.18 -9.44
C CYS A 279 -10.96 0.53 -10.69
N GLU A 280 -11.76 0.55 -11.76
CA GLU A 280 -11.44 1.33 -12.95
C GLU A 280 -12.03 2.73 -12.89
N LYS A 281 -12.89 3.01 -11.92
CA LYS A 281 -13.50 4.32 -11.74
C LYS A 281 -12.49 5.31 -11.15
N PRO A 282 -12.76 6.61 -11.26
CA PRO A 282 -11.85 7.61 -10.69
C PRO A 282 -11.65 7.41 -9.19
N LEU A 283 -10.62 8.09 -8.67
CA LEU A 283 -10.26 7.96 -7.26
C LEU A 283 -11.40 8.40 -6.34
N LEU A 284 -12.15 9.43 -6.76
CA LEU A 284 -13.22 9.95 -5.93
C LEU A 284 -14.36 8.95 -5.73
N GLU A 285 -14.52 8.00 -6.64
CA GLU A 285 -15.65 7.08 -6.63
C GLU A 285 -15.29 5.66 -6.21
N LYS A 286 -14.02 5.40 -5.86
CA LYS A 286 -13.60 4.03 -5.57
C LYS A 286 -14.28 3.48 -4.33
N SER A 287 -14.05 4.11 -3.17
CA SER A 287 -14.55 3.56 -1.91
C SER A 287 -16.07 3.47 -1.89
N HIS A 288 -16.74 4.47 -2.47
CA HIS A 288 -18.20 4.41 -2.54
C HIS A 288 -18.67 3.25 -3.39
N CYS A 289 -17.98 2.97 -4.51
CA CYS A 289 -18.38 1.88 -5.38
C CYS A 289 -18.15 0.52 -4.71
N ILE A 290 -16.99 0.35 -4.08
CA ILE A 290 -16.67 -0.93 -3.46
C ILE A 290 -17.64 -1.23 -2.33
N ALA A 291 -18.07 -0.19 -1.60
CA ALA A 291 -18.97 -0.39 -0.47
C ALA A 291 -20.33 -0.95 -0.89
N GLU A 292 -20.65 -0.89 -2.19
CA GLU A 292 -21.92 -1.40 -2.69
C GLU A 292 -21.72 -2.43 -3.80
N VAL A 293 -20.57 -3.09 -3.79
CA VAL A 293 -20.29 -4.10 -4.81
C VAL A 293 -21.12 -5.35 -4.55
N GLU A 294 -21.44 -6.08 -5.62
CA GLU A 294 -22.28 -7.25 -5.51
C GLU A 294 -21.54 -8.39 -4.81
N ASN A 295 -22.32 -9.29 -4.21
CA ASN A 295 -21.75 -10.47 -3.56
C ASN A 295 -21.06 -11.36 -4.58
N ASP A 296 -19.85 -11.81 -4.24
CA ASP A 296 -19.14 -12.75 -5.08
C ASP A 296 -19.68 -14.16 -4.86
N GLU A 297 -19.40 -15.04 -5.81
CA GLU A 297 -19.83 -16.43 -5.69
C GLU A 297 -18.95 -17.17 -4.69
N MET A 298 -19.56 -18.11 -3.97
CA MET A 298 -18.80 -18.92 -3.03
C MET A 298 -18.07 -20.04 -3.78
N PRO A 299 -16.96 -20.54 -3.22
CA PRO A 299 -16.17 -21.56 -3.94
C PRO A 299 -16.92 -22.85 -4.23
N ALA A 300 -18.09 -23.06 -3.63
CA ALA A 300 -18.95 -24.22 -3.88
C ALA A 300 -18.33 -25.54 -3.44
N ASP A 301 -17.02 -25.55 -3.19
CA ASP A 301 -16.33 -26.72 -2.68
C ASP A 301 -16.08 -26.63 -1.17
N LEU A 302 -16.95 -25.93 -0.45
CA LEU A 302 -16.78 -25.69 0.97
C LEU A 302 -17.37 -26.85 1.77
N PRO A 303 -16.61 -27.45 2.68
CA PRO A 303 -17.14 -28.56 3.49
C PRO A 303 -18.07 -28.04 4.58
N SER A 304 -18.61 -28.97 5.35
CA SER A 304 -19.47 -28.62 6.47
C SER A 304 -18.66 -28.02 7.61
N LEU A 305 -19.34 -27.28 8.48
CA LEU A 305 -18.71 -26.64 9.62
C LEU A 305 -18.62 -27.55 10.85
N ALA A 306 -19.25 -28.71 10.81
CA ALA A 306 -19.22 -29.62 11.95
C ALA A 306 -17.82 -30.19 12.19
N ALA A 307 -16.98 -30.24 11.16
CA ALA A 307 -15.66 -30.82 11.33
C ALA A 307 -14.76 -29.94 12.19
N ASP A 308 -14.74 -28.64 11.90
CA ASP A 308 -13.86 -27.73 12.63
C ASP A 308 -14.49 -27.17 13.91
N PHE A 309 -15.81 -27.14 14.00
CA PHE A 309 -16.48 -26.45 15.10
C PHE A 309 -17.38 -27.32 15.95
N VAL A 310 -17.54 -28.60 15.61
CA VAL A 310 -18.42 -29.48 16.39
C VAL A 310 -17.69 -30.77 16.74
N GLU A 311 -17.25 -31.50 15.73
CA GLU A 311 -16.74 -32.85 15.92
C GLU A 311 -15.26 -32.91 16.27
N SER A 312 -14.51 -31.85 16.06
CA SER A 312 -13.08 -31.87 16.35
C SER A 312 -12.85 -31.98 17.85
N LYS A 313 -11.76 -32.66 18.22
CA LYS A 313 -11.41 -32.83 19.63
C LYS A 313 -10.79 -31.57 20.21
N ASP A 314 -10.31 -30.65 19.37
CA ASP A 314 -9.66 -29.43 19.83
C ASP A 314 -10.57 -28.21 19.72
N VAL A 315 -11.89 -28.40 19.80
CA VAL A 315 -12.81 -27.28 19.71
C VAL A 315 -12.61 -26.32 20.88
N CYS A 316 -12.55 -26.87 22.10
CA CYS A 316 -12.37 -26.02 23.28
C CYS A 316 -10.94 -25.50 23.36
N LYS A 317 -9.96 -26.28 22.91
CA LYS A 317 -8.57 -25.83 22.95
C LYS A 317 -8.36 -24.65 22.00
N ASN A 318 -8.82 -24.77 20.76
CA ASN A 318 -8.69 -23.67 19.81
C ASN A 318 -9.52 -22.47 20.23
N TYR A 319 -10.65 -22.71 20.91
CA TYR A 319 -11.47 -21.60 21.40
C TYR A 319 -10.81 -20.89 22.57
N ALA A 320 -10.20 -21.67 23.48
CA ALA A 320 -9.58 -21.07 24.67
C ALA A 320 -8.36 -20.23 24.31
N GLU A 321 -7.67 -20.58 23.22
CA GLU A 321 -6.48 -19.82 22.84
C GLU A 321 -6.83 -18.38 22.50
N ALA A 322 -7.89 -18.18 21.71
CA ALA A 322 -8.32 -16.84 21.32
C ALA A 322 -9.80 -16.94 20.95
N LYS A 323 -10.66 -16.59 21.90
CA LYS A 323 -12.10 -16.83 21.72
C LYS A 323 -12.67 -16.02 20.56
N ASP A 324 -12.39 -14.71 20.53
CA ASP A 324 -12.94 -13.87 19.48
C ASP A 324 -12.40 -14.25 18.10
N VAL A 325 -11.14 -14.72 18.04
CA VAL A 325 -10.61 -15.22 16.78
C VAL A 325 -11.36 -16.47 16.35
N PHE A 326 -11.58 -17.40 17.28
CA PHE A 326 -12.30 -18.63 16.96
C PHE A 326 -13.75 -18.33 16.59
N LEU A 327 -14.41 -17.47 17.37
CA LEU A 327 -15.76 -17.05 17.03
C LEU A 327 -15.79 -16.26 15.73
N GLY A 328 -14.74 -15.46 15.48
CA GLY A 328 -14.65 -14.77 14.21
C GLY A 328 -14.50 -15.72 13.04
N MET A 329 -13.75 -16.81 13.23
CA MET A 329 -13.64 -17.81 12.18
C MET A 329 -14.96 -18.55 12.00
N PHE A 330 -15.69 -18.78 13.09
CA PHE A 330 -17.02 -19.36 12.96
C PHE A 330 -17.97 -18.44 12.21
N LEU A 331 -17.91 -17.14 12.51
CA LEU A 331 -18.72 -16.17 11.78
C LEU A 331 -18.30 -16.11 10.31
N TYR A 332 -16.99 -16.11 10.05
CA TYR A 332 -16.48 -16.05 8.69
C TYR A 332 -17.00 -17.22 7.86
N GLU A 333 -16.89 -18.44 8.41
CA GLU A 333 -17.29 -19.62 7.65
C GLU A 333 -18.80 -19.67 7.46
N TYR A 334 -19.57 -19.26 8.46
CA TYR A 334 -21.02 -19.30 8.34
C TYR A 334 -21.55 -18.21 7.42
N ALA A 335 -20.90 -17.04 7.41
CA ALA A 335 -21.38 -15.94 6.59
C ALA A 335 -21.08 -16.17 5.11
N ARG A 336 -19.90 -16.69 4.80
CA ARG A 336 -19.53 -16.93 3.40
C ARG A 336 -20.39 -18.00 2.76
N ARG A 337 -21.01 -18.87 3.56
CA ARG A 337 -21.87 -19.92 3.04
C ARG A 337 -23.33 -19.51 2.97
N HIS A 338 -23.73 -18.43 3.63
CA HIS A 338 -25.11 -17.97 3.66
C HIS A 338 -25.16 -16.48 3.38
N PRO A 339 -25.00 -16.08 2.11
CA PRO A 339 -25.28 -14.68 1.74
C PRO A 339 -26.76 -14.36 1.72
N ASP A 340 -27.64 -15.37 1.87
CA ASP A 340 -29.07 -15.12 1.93
C ASP A 340 -29.54 -14.74 3.32
N TYR A 341 -28.72 -14.95 4.35
CA TYR A 341 -29.07 -14.56 5.70
C TYR A 341 -28.83 -13.07 5.91
N SER A 342 -29.54 -12.52 6.89
CA SER A 342 -29.23 -11.18 7.36
C SER A 342 -28.01 -11.23 8.28
N VAL A 343 -27.35 -10.08 8.42
CA VAL A 343 -26.16 -10.01 9.26
C VAL A 343 -26.52 -10.29 10.71
N VAL A 344 -27.64 -9.74 11.19
CA VAL A 344 -28.04 -9.94 12.58
C VAL A 344 -28.39 -11.42 12.83
N LEU A 345 -28.87 -12.12 11.80
CA LEU A 345 -29.13 -13.55 11.96
C LEU A 345 -27.83 -14.32 12.15
N LEU A 346 -26.79 -13.98 11.38
CA LEU A 346 -25.49 -14.63 11.54
C LEU A 346 -24.89 -14.31 12.90
N LEU A 347 -25.06 -13.07 13.37
CA LEU A 347 -24.64 -12.73 14.73
C LEU A 347 -25.46 -13.47 15.77
N ARG A 348 -26.74 -13.71 15.49
CA ARG A 348 -27.57 -14.51 16.39
C ARG A 348 -27.03 -15.92 16.53
N LEU A 349 -26.57 -16.51 15.42
CA LEU A 349 -26.03 -17.87 15.46
C LEU A 349 -24.68 -17.88 16.15
N ALA A 350 -23.86 -16.85 15.93
CA ALA A 350 -22.55 -16.79 16.58
C ALA A 350 -22.69 -16.64 18.09
N LYS A 351 -23.64 -15.82 18.55
CA LYS A 351 -23.84 -15.66 19.98
C LYS A 351 -24.35 -16.95 20.61
N THR A 352 -25.18 -17.70 19.89
CA THR A 352 -25.63 -19.00 20.40
C THR A 352 -24.48 -19.98 20.49
N TYR A 353 -23.63 -20.04 19.46
CA TYR A 353 -22.46 -20.89 19.48
C TYR A 353 -21.47 -20.44 20.55
N GLU A 354 -21.40 -19.14 20.82
CA GLU A 354 -20.52 -18.65 21.88
C GLU A 354 -21.03 -19.05 23.26
N THR A 355 -22.33 -18.87 23.50
CA THR A 355 -22.91 -19.27 24.78
C THR A 355 -22.75 -20.78 24.99
N THR A 356 -22.91 -21.57 23.93
CA THR A 356 -22.78 -23.01 24.06
C THR A 356 -21.38 -23.43 24.47
N LEU A 357 -20.36 -22.81 23.84
CA LEU A 357 -18.98 -23.18 24.16
C LEU A 357 -18.62 -22.79 25.59
N GLU A 358 -19.10 -21.64 26.06
CA GLU A 358 -18.82 -21.21 27.43
C GLU A 358 -19.36 -22.22 28.44
N LYS A 359 -20.57 -22.74 28.19
CA LYS A 359 -21.14 -23.73 29.09
C LYS A 359 -20.53 -25.11 28.88
N CYS A 360 -20.34 -25.52 27.63
CA CYS A 360 -19.93 -26.89 27.35
C CYS A 360 -18.47 -27.14 27.68
N CYS A 361 -17.58 -26.21 27.33
CA CYS A 361 -16.16 -26.42 27.55
C CYS A 361 -15.78 -26.49 29.02
N ALA A 362 -16.68 -26.12 29.93
CA ALA A 362 -16.46 -26.25 31.36
C ALA A 362 -17.23 -27.41 31.97
N ALA A 363 -18.02 -28.12 31.17
CA ALA A 363 -18.83 -29.22 31.68
C ALA A 363 -17.99 -30.50 31.77
N ALA A 364 -18.66 -31.60 32.14
CA ALA A 364 -17.98 -32.87 32.31
C ALA A 364 -17.50 -33.41 30.96
N ASP A 365 -18.41 -33.65 30.03
CA ASP A 365 -18.09 -34.12 28.69
C ASP A 365 -18.40 -33.00 27.70
N PRO A 366 -17.40 -32.18 27.34
CA PRO A 366 -17.69 -31.07 26.41
C PRO A 366 -18.12 -31.53 25.03
N HIS A 367 -17.50 -32.57 24.49
CA HIS A 367 -17.82 -33.01 23.14
C HIS A 367 -19.29 -33.43 23.02
N GLU A 368 -19.80 -34.16 24.01
CA GLU A 368 -21.21 -34.54 24.00
C GLU A 368 -22.12 -33.34 24.28
N CYS A 369 -21.60 -32.28 24.90
CA CYS A 369 -22.44 -31.15 25.26
C CYS A 369 -22.78 -30.30 24.04
N TYR A 370 -21.77 -29.87 23.29
CA TYR A 370 -21.99 -29.07 22.09
C TYR A 370 -22.14 -29.93 20.84
N ALA A 371 -22.44 -31.22 20.99
CA ALA A 371 -22.59 -32.09 19.83
C ALA A 371 -23.80 -31.73 18.99
N LYS A 372 -24.84 -31.16 19.61
CA LYS A 372 -26.08 -30.81 18.94
C LYS A 372 -26.29 -29.31 18.94
N VAL A 373 -25.21 -28.54 18.79
CA VAL A 373 -25.34 -27.09 18.81
C VAL A 373 -25.97 -26.59 17.51
N PHE A 374 -25.69 -27.26 16.39
CA PHE A 374 -26.27 -26.82 15.11
C PHE A 374 -27.78 -26.96 15.08
N ASP A 375 -28.36 -27.84 15.91
CA ASP A 375 -29.81 -27.94 15.97
C ASP A 375 -30.42 -26.69 16.58
N GLU A 376 -29.68 -25.99 17.45
CA GLU A 376 -30.17 -24.73 17.99
C GLU A 376 -30.25 -23.63 16.94
N PHE A 377 -29.48 -23.76 15.84
CA PHE A 377 -29.47 -22.74 14.81
C PHE A 377 -30.70 -22.80 13.92
N LYS A 378 -31.33 -23.98 13.81
CA LYS A 378 -32.44 -24.13 12.88
C LYS A 378 -33.65 -23.28 13.28
N PRO A 379 -34.14 -23.29 14.53
CA PRO A 379 -35.27 -22.42 14.86
C PRO A 379 -34.94 -20.93 14.74
N LEU A 380 -33.67 -20.56 14.94
CA LEU A 380 -33.29 -19.16 14.76
C LEU A 380 -33.31 -18.75 13.29
N VAL A 381 -33.06 -19.69 12.39
CA VAL A 381 -33.09 -19.38 10.96
C VAL A 381 -34.52 -19.40 10.43
N GLU A 382 -35.34 -20.34 10.93
CA GLU A 382 -36.71 -20.45 10.43
C GLU A 382 -37.56 -19.25 10.81
N GLU A 383 -37.24 -18.59 11.94
CA GLU A 383 -38.08 -17.50 12.42
C GLU A 383 -38.14 -16.32 11.45
N PRO A 384 -37.03 -15.78 10.94
CA PRO A 384 -37.16 -14.72 9.93
C PRO A 384 -37.60 -15.24 8.58
N GLN A 385 -37.25 -16.48 8.23
CA GLN A 385 -37.70 -17.04 6.96
C GLN A 385 -39.21 -17.20 6.92
N ASN A 386 -39.80 -17.67 8.03
CA ASN A 386 -41.25 -17.81 8.06
C ASN A 386 -41.96 -16.46 8.10
N LEU A 387 -41.31 -15.44 8.65
CA LEU A 387 -41.90 -14.10 8.66
C LEU A 387 -41.90 -13.49 7.27
N ILE A 388 -40.84 -13.75 6.49
CA ILE A 388 -40.78 -13.24 5.12
C ILE A 388 -41.85 -13.89 4.27
N LYS A 389 -42.00 -15.21 4.37
CA LYS A 389 -43.00 -15.91 3.57
C LYS A 389 -44.42 -15.55 4.03
N GLN A 390 -44.63 -15.39 5.34
CA GLN A 390 -45.95 -15.04 5.84
C GLN A 390 -46.35 -13.63 5.39
N ASN A 391 -45.42 -12.68 5.46
CA ASN A 391 -45.75 -11.30 5.13
C ASN A 391 -45.81 -11.07 3.62
N CYS A 392 -44.90 -11.70 2.86
CA CYS A 392 -44.93 -11.53 1.42
C CYS A 392 -46.13 -12.23 0.78
N GLU A 393 -46.59 -13.33 1.37
CA GLU A 393 -47.82 -13.96 0.90
C GLU A 393 -49.03 -13.08 1.19
N LEU A 394 -49.10 -12.51 2.40
CA LEU A 394 -50.16 -11.56 2.71
C LEU A 394 -50.03 -10.31 1.85
N PHE A 395 -48.80 -9.91 1.52
CA PHE A 395 -48.60 -8.79 0.61
C PHE A 395 -49.05 -9.11 -0.81
N GLU A 396 -48.89 -10.37 -1.23
CA GLU A 396 -49.29 -10.76 -2.58
C GLU A 396 -50.81 -10.78 -2.72
N GLN A 397 -51.51 -11.25 -1.68
CA GLN A 397 -52.97 -11.29 -1.74
C GLN A 397 -53.56 -9.88 -1.80
N LEU A 398 -52.99 -8.95 -1.05
CA LEU A 398 -53.47 -7.58 -0.98
C LEU A 398 -52.61 -6.69 -1.90
N GLY A 399 -52.81 -5.38 -1.79
CA GLY A 399 -51.93 -4.41 -2.39
C GLY A 399 -51.09 -3.72 -1.32
N GLU A 400 -50.26 -2.79 -1.78
CA GLU A 400 -49.42 -2.04 -0.84
C GLU A 400 -50.28 -1.27 0.15
N TYR A 401 -51.32 -0.58 -0.34
CA TYR A 401 -52.20 0.16 0.55
C TYR A 401 -52.98 -0.78 1.46
N LYS A 402 -53.51 -1.88 0.91
CA LYS A 402 -54.24 -2.84 1.73
C LYS A 402 -53.32 -3.54 2.71
N PHE A 403 -52.07 -3.81 2.32
CA PHE A 403 -51.11 -4.40 3.26
C PHE A 403 -50.75 -3.43 4.36
N GLN A 404 -50.65 -2.14 4.04
CA GLN A 404 -50.41 -1.13 5.07
C GLN A 404 -51.56 -1.08 6.06
N ASN A 405 -52.80 -1.14 5.57
CA ASN A 405 -53.96 -1.17 6.45
C ASN A 405 -53.99 -2.44 7.28
N ALA A 406 -53.51 -3.55 6.73
CA ALA A 406 -53.42 -4.79 7.49
C ALA A 406 -52.43 -4.66 8.64
N LEU A 407 -51.29 -4.00 8.39
CA LEU A 407 -50.31 -3.79 9.46
C LEU A 407 -50.82 -2.81 10.50
N LEU A 408 -51.63 -1.82 10.07
CA LEU A 408 -52.16 -0.85 11.01
C LEU A 408 -53.01 -1.53 12.09
N VAL A 409 -53.90 -2.43 11.67
CA VAL A 409 -54.75 -3.12 12.63
C VAL A 409 -53.92 -4.04 13.53
N ARG A 410 -52.89 -4.67 12.97
CA ARG A 410 -52.06 -5.57 13.76
C ARG A 410 -51.31 -4.81 14.85
N TYR A 411 -50.62 -3.74 14.48
CA TYR A 411 -49.78 -3.02 15.43
C TYR A 411 -50.58 -2.14 16.38
N THR A 412 -51.78 -1.73 15.99
CA THR A 412 -52.62 -0.98 16.93
C THR A 412 -53.18 -1.88 18.02
N LYS A 413 -53.56 -3.11 17.65
CA LYS A 413 -54.00 -4.07 18.67
C LYS A 413 -52.86 -4.46 19.60
N LYS A 414 -51.65 -4.62 19.04
CA LYS A 414 -50.52 -5.04 19.86
C LYS A 414 -50.09 -3.93 20.82
N VAL A 415 -49.94 -2.71 20.33
CA VAL A 415 -49.55 -1.59 21.18
C VAL A 415 -50.39 -0.37 20.81
N PRO A 416 -51.56 -0.19 21.43
CA PRO A 416 -52.40 0.98 21.14
C PRO A 416 -51.95 2.25 21.84
N GLN A 417 -51.02 2.16 22.79
CA GLN A 417 -50.55 3.35 23.49
C GLN A 417 -49.76 4.29 22.58
N VAL A 418 -49.20 3.78 21.50
CA VAL A 418 -48.45 4.63 20.57
C VAL A 418 -49.40 5.62 19.92
N SER A 419 -48.91 6.85 19.73
CA SER A 419 -49.72 7.90 19.13
C SER A 419 -50.17 7.49 17.73
N THR A 420 -51.31 8.04 17.30
CA THR A 420 -51.89 7.66 16.01
C THR A 420 -51.02 8.06 14.82
N PRO A 421 -50.48 9.28 14.73
CA PRO A 421 -49.62 9.59 13.58
C PRO A 421 -48.36 8.76 13.51
N THR A 422 -47.87 8.27 14.65
CA THR A 422 -46.69 7.40 14.63
C THR A 422 -47.07 6.01 14.11
N LEU A 423 -48.20 5.47 14.54
CA LEU A 423 -48.66 4.18 14.03
C LEU A 423 -48.91 4.23 12.53
N VAL A 424 -49.40 5.36 12.02
CA VAL A 424 -49.64 5.48 10.58
C VAL A 424 -48.32 5.59 9.83
N GLU A 425 -47.41 6.43 10.31
CA GLU A 425 -46.15 6.65 9.60
C GLU A 425 -45.29 5.38 9.58
N VAL A 426 -45.28 4.63 10.68
CA VAL A 426 -44.46 3.43 10.75
C VAL A 426 -45.05 2.33 9.86
N SER A 427 -46.38 2.14 9.94
CA SER A 427 -47.02 1.09 9.15
C SER A 427 -46.90 1.36 7.66
N ARG A 428 -46.92 2.64 7.25
CA ARG A 428 -46.72 2.97 5.85
C ARG A 428 -45.30 2.66 5.40
N ASN A 429 -44.31 2.96 6.24
CA ASN A 429 -42.93 2.65 5.90
C ASN A 429 -42.69 1.14 5.88
N LEU A 430 -43.24 0.43 6.86
CA LEU A 430 -43.12 -1.03 6.86
C LEU A 430 -43.80 -1.65 5.64
N GLY A 431 -44.87 -1.02 5.15
CA GLY A 431 -45.49 -1.49 3.92
C GLY A 431 -44.62 -1.28 2.70
N LYS A 432 -43.86 -0.19 2.68
CA LYS A 432 -42.93 0.04 1.58
C LYS A 432 -41.75 -0.91 1.64
N VAL A 433 -41.41 -1.40 2.84
CA VAL A 433 -40.37 -2.41 2.95
C VAL A 433 -40.83 -3.72 2.31
N GLY A 434 -42.10 -4.07 2.49
CA GLY A 434 -42.61 -5.28 1.86
C GLY A 434 -42.68 -5.17 0.35
N SER A 435 -43.07 -3.99 -0.15
CA SER A 435 -43.17 -3.81 -1.60
C SER A 435 -41.80 -3.84 -2.27
N LYS A 436 -40.75 -3.46 -1.54
CA LYS A 436 -39.41 -3.41 -2.12
C LYS A 436 -38.68 -4.74 -2.01
N CYS A 437 -38.82 -5.45 -0.89
CA CYS A 437 -38.04 -6.66 -0.66
C CYS A 437 -38.75 -7.93 -1.14
N CYS A 438 -40.08 -7.98 -1.07
CA CYS A 438 -40.78 -9.17 -1.54
C CYS A 438 -40.67 -9.36 -3.05
N LYS A 439 -40.31 -8.31 -3.79
CA LYS A 439 -40.04 -8.44 -5.22
C LYS A 439 -38.71 -9.13 -5.48
N HIS A 440 -37.75 -9.01 -4.57
CA HIS A 440 -36.48 -9.70 -4.72
C HIS A 440 -36.68 -11.21 -4.57
N PRO A 441 -35.79 -12.01 -5.15
CA PRO A 441 -35.82 -13.46 -4.88
C PRO A 441 -35.42 -13.75 -3.45
N GLU A 442 -35.64 -15.00 -3.04
CA GLU A 442 -35.37 -15.40 -1.66
C GLU A 442 -33.91 -15.20 -1.28
N ALA A 443 -33.00 -15.18 -2.26
CA ALA A 443 -31.58 -15.01 -1.94
C ALA A 443 -31.29 -13.63 -1.36
N LYS A 444 -32.07 -12.61 -1.73
CA LYS A 444 -31.84 -11.25 -1.26
C LYS A 444 -32.98 -10.72 -0.40
N ARG A 445 -33.96 -11.56 -0.04
CA ARG A 445 -35.11 -11.05 0.70
C ARG A 445 -34.75 -10.66 2.12
N MET A 446 -34.06 -11.55 2.85
CA MET A 446 -33.74 -11.28 4.24
C MET A 446 -32.71 -10.16 4.39
N PRO A 447 -31.64 -10.12 3.58
CA PRO A 447 -30.74 -8.94 3.67
C PRO A 447 -31.43 -7.64 3.30
N CYS A 448 -32.35 -7.67 2.33
CA CYS A 448 -33.10 -6.47 1.99
C CYS A 448 -33.92 -5.98 3.19
N ALA A 449 -34.67 -6.90 3.81
CA ALA A 449 -35.53 -6.52 4.93
C ALA A 449 -34.72 -5.95 6.07
N GLU A 450 -33.54 -6.52 6.35
CA GLU A 450 -32.73 -6.04 7.47
C GLU A 450 -32.36 -4.58 7.30
N ASP A 451 -31.94 -4.19 6.09
CA ASP A 451 -31.49 -2.82 5.86
C ASP A 451 -32.62 -1.82 6.07
N TYR A 452 -33.80 -2.11 5.51
CA TYR A 452 -34.90 -1.16 5.61
C TYR A 452 -35.55 -1.20 6.99
N LEU A 453 -35.67 -2.37 7.59
CA LEU A 453 -36.28 -2.46 8.93
C LEU A 453 -35.42 -1.78 9.99
N SER A 454 -34.10 -1.80 9.81
CA SER A 454 -33.22 -1.20 10.81
C SER A 454 -33.42 0.31 10.89
N VAL A 455 -33.65 0.95 9.75
CA VAL A 455 -33.85 2.41 9.76
C VAL A 455 -35.27 2.79 10.12
N VAL A 456 -36.23 1.88 9.96
CA VAL A 456 -37.61 2.19 10.32
C VAL A 456 -37.85 1.96 11.82
N LEU A 457 -37.27 0.88 12.36
CA LEU A 457 -37.42 0.61 13.79
C LEU A 457 -36.66 1.63 14.63
N ASN A 458 -35.59 2.23 14.07
CA ASN A 458 -34.84 3.24 14.81
C ASN A 458 -35.58 4.56 14.84
N GLN A 459 -36.14 4.99 13.71
CA GLN A 459 -36.90 6.24 13.68
C GLN A 459 -38.18 6.12 14.50
N LEU A 460 -38.72 4.91 14.62
CA LEU A 460 -39.87 4.70 15.50
C LEU A 460 -39.51 5.01 16.94
N CYS A 461 -38.31 4.65 17.36
CA CYS A 461 -37.84 4.94 18.71
C CYS A 461 -37.04 6.23 18.79
N VAL A 462 -36.69 6.84 17.65
CA VAL A 462 -36.10 8.17 17.70
C VAL A 462 -37.10 9.18 18.24
N LEU A 463 -38.38 8.99 17.97
CA LEU A 463 -39.42 9.82 18.55
C LEU A 463 -39.99 9.24 19.83
N HIS A 464 -39.95 7.91 19.99
CA HIS A 464 -40.46 7.30 21.20
C HIS A 464 -39.51 7.51 22.38
N GLU A 465 -38.22 7.69 22.12
CA GLU A 465 -37.29 8.03 23.19
C GLU A 465 -37.52 9.45 23.70
N LYS A 466 -37.93 10.36 22.81
CA LYS A 466 -38.25 11.72 23.24
C LYS A 466 -39.62 11.81 23.87
N THR A 467 -40.55 10.91 23.52
CA THR A 467 -41.90 10.90 24.08
C THR A 467 -42.31 9.46 24.31
N PRO A 468 -41.94 8.89 25.45
CA PRO A 468 -42.34 7.50 25.74
C PRO A 468 -43.81 7.43 26.12
N VAL A 469 -44.46 6.36 25.66
CA VAL A 469 -45.89 6.17 25.91
C VAL A 469 -46.19 4.69 26.09
N SER A 470 -45.26 3.84 25.69
CA SER A 470 -45.43 2.39 25.78
C SER A 470 -44.23 1.79 26.50
N ASP A 471 -44.50 0.90 27.45
CA ASP A 471 -43.42 0.21 28.16
C ASP A 471 -42.83 -0.92 27.34
N ARG A 472 -43.63 -1.58 26.51
CA ARG A 472 -43.14 -2.68 25.69
C ARG A 472 -42.30 -2.18 24.52
N VAL A 473 -42.59 -0.99 24.00
CA VAL A 473 -41.84 -0.47 22.86
C VAL A 473 -40.46 -0.01 23.30
N THR A 474 -40.38 0.73 24.40
CA THR A 474 -39.09 1.22 24.87
C THR A 474 -38.27 0.13 25.54
N LYS A 475 -38.89 -1.00 25.92
CA LYS A 475 -38.14 -2.09 26.52
C LYS A 475 -37.30 -2.83 25.50
N CYS A 476 -37.75 -2.88 24.25
CA CYS A 476 -37.03 -3.62 23.21
C CYS A 476 -36.24 -2.73 22.27
N CYS A 477 -36.33 -1.41 22.42
CA CYS A 477 -35.38 -0.51 21.78
C CYS A 477 -34.17 -0.24 22.64
N THR A 478 -34.23 -0.59 23.94
CA THR A 478 -33.06 -0.64 24.79
C THR A 478 -32.42 -2.02 24.82
N GLU A 479 -33.06 -3.01 24.20
CA GLU A 479 -32.50 -4.34 24.08
C GLU A 479 -31.31 -4.33 23.12
N SER A 480 -30.68 -5.49 22.97
CA SER A 480 -29.55 -5.62 22.06
C SER A 480 -30.00 -5.42 20.61
N LEU A 481 -29.04 -5.05 19.76
CA LEU A 481 -29.36 -4.77 18.36
C LEU A 481 -29.84 -6.01 17.63
N VAL A 482 -29.29 -7.19 17.97
CA VAL A 482 -29.73 -8.42 17.33
C VAL A 482 -31.10 -8.88 17.83
N ASN A 483 -31.54 -8.41 18.99
CA ASN A 483 -32.83 -8.78 19.54
C ASN A 483 -33.88 -7.69 19.41
N ARG A 484 -33.57 -6.59 18.72
CA ARG A 484 -34.56 -5.54 18.54
C ARG A 484 -35.71 -6.01 17.66
N ARG A 485 -35.40 -6.42 16.42
CA ARG A 485 -36.43 -6.91 15.52
C ARG A 485 -37.14 -8.15 16.04
N PRO A 486 -36.46 -9.19 16.56
CA PRO A 486 -37.19 -10.37 17.03
C PRO A 486 -38.22 -10.07 18.11
N CYS A 487 -37.99 -9.06 18.96
CA CYS A 487 -38.98 -8.73 19.97
C CYS A 487 -40.19 -8.02 19.36
N PHE A 488 -39.94 -7.04 18.47
CA PHE A 488 -41.04 -6.36 17.81
C PHE A 488 -41.94 -7.33 17.08
N SER A 489 -41.38 -8.42 16.55
CA SER A 489 -42.20 -9.48 15.98
C SER A 489 -42.89 -10.31 17.05
N ALA A 490 -42.32 -10.36 18.26
CA ALA A 490 -42.87 -11.14 19.35
C ALA A 490 -43.85 -10.37 20.21
N LEU A 491 -44.14 -9.11 19.87
CA LEU A 491 -45.12 -8.34 20.61
C LEU A 491 -46.50 -8.94 20.43
N GLU A 492 -47.32 -8.89 21.48
CA GLU A 492 -48.64 -9.48 21.49
C GLU A 492 -49.70 -8.41 21.69
N VAL A 493 -50.96 -8.81 21.51
CA VAL A 493 -52.08 -7.89 21.69
C VAL A 493 -52.24 -7.57 23.17
N ASP A 494 -52.43 -6.29 23.48
CA ASP A 494 -52.59 -5.83 24.86
C ASP A 494 -54.02 -6.09 25.28
N GLU A 495 -54.24 -7.21 26.00
CA GLU A 495 -55.58 -7.53 26.47
C GLU A 495 -56.00 -6.64 27.62
N THR A 496 -55.04 -6.13 28.39
CA THR A 496 -55.31 -5.24 29.52
C THR A 496 -55.41 -3.78 29.10
N TYR A 497 -55.96 -3.51 27.91
CA TYR A 497 -56.08 -2.16 27.37
C TYR A 497 -57.55 -1.79 27.33
N VAL A 498 -57.94 -0.82 28.14
CA VAL A 498 -59.30 -0.29 28.09
C VAL A 498 -59.48 0.53 26.81
N PRO A 499 -60.54 0.31 26.04
CA PRO A 499 -60.69 1.05 24.79
C PRO A 499 -60.82 2.55 25.02
N LYS A 500 -60.29 3.31 24.08
CA LYS A 500 -60.36 4.77 24.15
C LYS A 500 -61.80 5.24 23.98
N GLU A 501 -62.11 6.37 24.60
CA GLU A 501 -63.46 6.94 24.52
C GLU A 501 -63.81 7.29 23.08
N PHE A 502 -65.08 7.10 22.73
CA PHE A 502 -65.55 7.36 21.38
C PHE A 502 -65.75 8.87 21.19
N ASN A 503 -64.97 9.45 20.29
CA ASN A 503 -65.07 10.88 19.95
C ASN A 503 -65.74 11.01 18.59
N ALA A 504 -66.85 11.74 18.55
CA ALA A 504 -67.57 11.92 17.30
C ALA A 504 -66.77 12.75 16.31
N GLU A 505 -66.05 13.76 16.80
CA GLU A 505 -65.24 14.59 15.92
C GLU A 505 -64.08 13.82 15.30
N THR A 506 -63.64 12.73 15.93
CA THR A 506 -62.55 11.93 15.36
C THR A 506 -63.02 11.20 14.11
N PHE A 507 -64.19 10.55 14.18
CA PHE A 507 -64.75 9.84 13.05
C PHE A 507 -65.51 10.74 12.08
N THR A 508 -65.68 12.01 12.41
CA THR A 508 -66.38 12.93 11.52
C THR A 508 -65.54 13.25 10.31
N PHE A 509 -66.12 13.11 9.12
CA PHE A 509 -65.44 13.38 7.86
C PHE A 509 -66.18 14.46 7.09
N HIS A 510 -65.44 15.19 6.26
CA HIS A 510 -65.98 16.25 5.45
C HIS A 510 -65.57 16.04 3.99
N ALA A 511 -66.29 16.72 3.09
CA ALA A 511 -66.07 16.55 1.65
C ALA A 511 -64.75 17.13 1.17
N ASP A 512 -63.97 17.78 2.06
CA ASP A 512 -62.69 18.35 1.64
C ASP A 512 -61.66 17.28 1.30
N ILE A 513 -61.86 16.04 1.76
CA ILE A 513 -60.91 14.96 1.49
C ILE A 513 -61.03 14.41 0.08
N CYS A 514 -62.10 14.75 -0.64
CA CYS A 514 -62.27 14.24 -2.01
C CYS A 514 -61.37 14.95 -3.00
N THR A 515 -60.98 16.20 -2.72
CA THR A 515 -60.09 16.95 -3.60
C THR A 515 -58.62 16.74 -3.24
N LEU A 516 -58.33 16.28 -2.03
CA LEU A 516 -56.95 16.08 -1.61
C LEU A 516 -56.26 15.03 -2.48
N SER A 517 -54.93 15.01 -2.40
CA SER A 517 -54.15 14.04 -3.15
C SER A 517 -54.40 12.63 -2.62
N GLU A 518 -53.94 11.64 -3.38
CA GLU A 518 -54.10 10.25 -2.97
C GLU A 518 -53.36 9.98 -1.67
N LYS A 519 -52.16 10.55 -1.51
CA LYS A 519 -51.42 10.38 -0.27
C LYS A 519 -52.15 11.01 0.90
N GLU A 520 -52.82 12.14 0.67
CA GLU A 520 -53.53 12.81 1.75
C GLU A 520 -54.80 12.05 2.10
N ARG A 521 -55.51 11.52 1.11
CA ARG A 521 -56.73 10.75 1.38
C ARG A 521 -56.42 9.43 2.06
N GLN A 522 -55.26 8.82 1.74
CA GLN A 522 -54.88 7.58 2.41
C GLN A 522 -54.51 7.82 3.87
N ILE A 523 -53.69 8.83 4.13
CA ILE A 523 -53.29 9.14 5.50
C ILE A 523 -54.50 9.49 6.35
N LYS A 524 -55.46 10.22 5.78
CA LYS A 524 -56.68 10.55 6.50
C LYS A 524 -57.51 9.30 6.78
N LYS A 525 -57.62 8.42 5.79
CA LYS A 525 -58.37 7.18 5.98
C LYS A 525 -57.64 6.23 6.93
N GLN A 526 -56.30 6.20 6.85
CA GLN A 526 -55.53 5.34 7.74
C GLN A 526 -55.54 5.86 9.17
N THR A 527 -55.66 7.18 9.35
CA THR A 527 -55.72 7.75 10.70
C THR A 527 -57.00 7.31 11.41
N ALA A 528 -58.13 7.34 10.71
CA ALA A 528 -59.39 6.94 11.31
C ALA A 528 -59.44 5.44 11.58
N LEU A 529 -58.69 4.65 10.81
CA LEU A 529 -58.66 3.21 11.04
C LEU A 529 -57.98 2.87 12.35
N VAL A 530 -56.92 3.60 12.70
CA VAL A 530 -56.25 3.38 13.97
C VAL A 530 -57.16 3.77 15.13
N GLU A 531 -57.88 4.89 15.00
CA GLU A 531 -58.80 5.31 16.05
C GLU A 531 -59.95 4.34 16.21
N LEU A 532 -60.34 3.66 15.13
CA LEU A 532 -61.39 2.65 15.23
C LEU A 532 -60.90 1.43 16.01
N VAL A 533 -59.65 1.02 15.79
CA VAL A 533 -59.10 -0.11 16.54
C VAL A 533 -58.88 0.26 18.00
N LYS A 534 -58.45 1.50 18.25
CA LYS A 534 -58.30 1.96 19.63
C LYS A 534 -59.64 2.00 20.35
N HIS A 535 -60.72 2.24 19.61
CA HIS A 535 -62.04 2.29 20.22
C HIS A 535 -62.65 0.91 20.41
N LYS A 536 -62.32 -0.04 19.53
CA LYS A 536 -62.85 -1.40 19.61
C LYS A 536 -61.76 -2.38 19.24
N PRO A 537 -60.84 -2.67 20.18
CA PRO A 537 -59.78 -3.64 19.88
C PRO A 537 -60.28 -5.08 19.77
N LYS A 538 -61.42 -5.40 20.37
CA LYS A 538 -61.99 -6.73 20.28
C LYS A 538 -62.83 -6.94 19.02
N ALA A 539 -62.84 -5.97 18.11
CA ALA A 539 -63.59 -6.12 16.86
C ALA A 539 -62.92 -7.16 15.98
N THR A 540 -63.73 -8.07 15.43
CA THR A 540 -63.21 -9.13 14.59
C THR A 540 -62.76 -8.58 13.24
N LYS A 541 -62.01 -9.41 12.51
CA LYS A 541 -61.57 -9.02 11.17
C LYS A 541 -62.75 -8.93 10.21
N GLU A 542 -63.76 -9.77 10.38
CA GLU A 542 -64.95 -9.70 9.52
C GLU A 542 -65.77 -8.46 9.83
N GLN A 543 -65.91 -8.12 11.12
CA GLN A 543 -66.64 -6.90 11.48
C GLN A 543 -65.88 -5.66 11.02
N LEU A 544 -64.54 -5.69 11.09
CA LEU A 544 -63.76 -4.53 10.70
C LEU A 544 -63.80 -4.33 9.19
N LYS A 545 -63.80 -5.41 8.41
CA LYS A 545 -63.86 -5.29 6.96
C LYS A 545 -65.20 -4.73 6.52
N ALA A 546 -66.29 -5.10 7.21
CA ALA A 546 -67.60 -4.56 6.88
C ALA A 546 -67.66 -3.05 7.11
N VAL A 547 -66.96 -2.56 8.13
CA VAL A 547 -66.93 -1.12 8.38
C VAL A 547 -66.09 -0.41 7.32
N MET A 548 -64.97 -1.02 6.94
CA MET A 548 -64.11 -0.42 5.91
C MET A 548 -64.77 -0.46 4.54
N ASP A 549 -65.53 -1.51 4.25
CA ASP A 549 -66.23 -1.58 2.97
C ASP A 549 -67.35 -0.56 2.88
N ASP A 550 -68.02 -0.27 4.00
CA ASP A 550 -69.05 0.76 4.01
C ASP A 550 -68.47 2.16 3.95
N PHE A 551 -67.22 2.33 4.39
CA PHE A 551 -66.58 3.64 4.32
C PHE A 551 -66.19 3.99 2.89
N ALA A 552 -65.67 3.00 2.15
CA ALA A 552 -65.31 3.25 0.75
C ALA A 552 -66.53 3.54 -0.10
N ALA A 553 -67.68 2.94 0.24
CA ALA A 553 -68.91 3.21 -0.50
C ALA A 553 -69.56 4.52 -0.08
N PHE A 554 -69.43 4.90 1.19
CA PHE A 554 -70.00 6.17 1.64
C PHE A 554 -69.18 7.35 1.12
N VAL A 555 -67.87 7.18 0.98
CA VAL A 555 -67.04 8.26 0.44
C VAL A 555 -67.32 8.45 -1.04
N GLU A 556 -67.63 7.36 -1.76
CA GLU A 556 -67.94 7.47 -3.18
C GLU A 556 -69.32 8.08 -3.41
N LYS A 557 -70.27 7.81 -2.51
CA LYS A 557 -71.62 8.34 -2.68
C LYS A 557 -71.69 9.81 -2.28
N CYS A 558 -70.99 10.19 -1.21
CA CYS A 558 -71.01 11.58 -0.75
C CYS A 558 -70.11 12.49 -1.57
N CYS A 559 -69.51 12.00 -2.64
CA CYS A 559 -68.69 12.82 -3.52
C CYS A 559 -68.83 12.37 -4.97
N PHE A 568 -73.33 13.78 3.04
CA PHE A 568 -72.32 14.48 3.82
C PHE A 568 -72.35 14.04 5.28
N ALA A 569 -72.80 14.93 6.17
CA ALA A 569 -72.88 14.61 7.59
C ALA A 569 -74.10 13.77 7.93
N GLU A 570 -75.16 13.84 7.12
CA GLU A 570 -76.36 13.04 7.39
C GLU A 570 -76.07 11.56 7.19
N GLU A 571 -75.50 11.20 6.05
CA GLU A 571 -75.14 9.80 5.80
C GLU A 571 -73.99 9.35 6.69
N GLY A 572 -73.20 10.28 7.22
CA GLY A 572 -72.13 9.90 8.13
C GLY A 572 -72.63 9.50 9.49
N LYS A 573 -73.75 10.09 9.94
CA LYS A 573 -74.32 9.72 11.23
C LYS A 573 -74.83 8.29 11.21
N LYS A 574 -75.39 7.85 10.08
CA LYS A 574 -75.84 6.47 9.97
C LYS A 574 -74.67 5.50 9.89
N LEU A 575 -73.55 5.93 9.30
CA LEU A 575 -72.38 5.07 9.23
C LEU A 575 -71.74 4.86 10.59
N VAL A 576 -71.81 5.87 11.46
CA VAL A 576 -71.23 5.73 12.80
C VAL A 576 -72.12 4.85 13.67
N ALA A 577 -73.44 5.05 13.62
CA ALA A 577 -74.35 4.27 14.45
C ALA A 577 -74.39 2.81 14.01
N ALA A 578 -74.35 2.55 12.70
CA ALA A 578 -74.37 1.18 12.22
C ALA A 578 -73.09 0.45 12.59
N SER A 579 -71.95 1.13 12.54
CA SER A 579 -70.67 0.50 12.87
C SER A 579 -70.50 0.31 14.37
N GLN A 580 -71.15 1.15 15.19
CA GLN A 580 -71.08 1.01 16.63
C GLN A 580 -71.93 -0.13 17.16
N ALA A 581 -72.60 -0.89 16.29
CA ALA A 581 -73.40 -2.02 16.72
C ALA A 581 -72.78 -3.34 16.23
N HIS B 3 -5.16 -20.21 -10.90
CA HIS B 3 -4.03 -20.58 -10.05
C HIS B 3 -4.51 -21.17 -8.72
N LYS B 4 -5.14 -22.35 -8.79
CA LYS B 4 -5.59 -23.01 -7.57
C LYS B 4 -4.41 -23.40 -6.69
N SER B 5 -3.36 -23.97 -7.28
CA SER B 5 -2.16 -24.36 -6.57
C SER B 5 -1.00 -23.50 -7.10
N GLU B 6 -0.54 -22.57 -6.26
CA GLU B 6 0.55 -21.70 -6.69
C GLU B 6 1.89 -22.44 -6.72
N VAL B 7 2.05 -23.46 -5.87
CA VAL B 7 3.30 -24.22 -5.90
C VAL B 7 3.37 -25.08 -7.15
N ALA B 8 2.22 -25.58 -7.62
CA ALA B 8 2.22 -26.35 -8.86
C ALA B 8 2.49 -25.45 -10.07
N HIS B 9 2.01 -24.20 -10.02
CA HIS B 9 2.27 -23.27 -11.10
C HIS B 9 3.75 -22.93 -11.18
N ARG B 10 4.40 -22.69 -10.04
CA ARG B 10 5.84 -22.43 -10.04
C ARG B 10 6.61 -23.62 -10.62
N PHE B 11 6.22 -24.83 -10.24
CA PHE B 11 6.93 -26.02 -10.71
C PHE B 11 6.83 -26.17 -12.22
N LYS B 12 5.68 -25.82 -12.79
CA LYS B 12 5.48 -25.95 -14.24
C LYS B 12 6.20 -24.86 -15.01
N ASP B 13 6.19 -23.63 -14.49
CA ASP B 13 6.89 -22.54 -15.17
C ASP B 13 8.40 -22.72 -15.09
N LEU B 14 8.93 -23.00 -13.90
CA LEU B 14 10.36 -23.07 -13.71
C LEU B 14 10.97 -24.37 -14.20
N GLY B 15 10.23 -25.47 -14.10
CA GLY B 15 10.78 -26.79 -14.33
C GLY B 15 11.43 -27.35 -13.07
N GLU B 16 11.55 -28.68 -13.05
CA GLU B 16 11.99 -29.37 -11.84
C GLU B 16 13.40 -28.94 -11.43
N GLU B 17 14.31 -28.81 -12.39
CA GLU B 17 15.71 -28.52 -12.06
C GLU B 17 15.86 -27.12 -11.46
N ASN B 18 15.28 -26.11 -12.12
CA ASN B 18 15.34 -24.76 -11.57
C ASN B 18 14.53 -24.64 -10.29
N PHE B 19 13.44 -25.39 -10.17
CA PHE B 19 12.64 -25.38 -8.94
C PHE B 19 13.48 -25.82 -7.75
N LYS B 20 14.15 -26.97 -7.86
CA LYS B 20 14.98 -27.46 -6.77
C LYS B 20 16.10 -26.49 -6.42
N ALA B 21 16.74 -25.92 -7.44
CA ALA B 21 17.84 -25.00 -7.20
C ALA B 21 17.36 -23.73 -6.50
N LEU B 22 16.20 -23.20 -6.91
CA LEU B 22 15.69 -21.98 -6.28
C LEU B 22 15.20 -22.26 -4.86
N VAL B 23 14.59 -23.43 -4.64
CA VAL B 23 14.15 -23.78 -3.29
C VAL B 23 15.34 -23.95 -2.36
N LEU B 24 16.43 -24.53 -2.89
CA LEU B 24 17.64 -24.67 -2.08
C LEU B 24 18.17 -23.30 -1.64
N ILE B 25 18.19 -22.34 -2.57
CA ILE B 25 18.67 -21.00 -2.23
C ILE B 25 17.76 -20.35 -1.19
N ALA B 26 16.45 -20.55 -1.32
CA ALA B 26 15.51 -19.90 -0.40
C ALA B 26 15.73 -20.37 1.03
N PHE B 27 15.82 -21.68 1.24
CA PHE B 27 16.06 -22.20 2.59
C PHE B 27 17.46 -21.86 3.09
N ALA B 28 18.45 -21.82 2.20
CA ALA B 28 19.81 -21.50 2.62
C ALA B 28 19.93 -20.06 3.10
N GLN B 29 19.11 -19.16 2.57
CA GLN B 29 19.18 -17.76 2.98
C GLN B 29 18.45 -17.52 4.29
N TYR B 30 17.41 -18.30 4.59
CA TYR B 30 16.73 -18.18 5.88
C TYR B 30 17.42 -18.98 6.97
N LEU B 31 17.91 -20.18 6.64
CA LEU B 31 18.57 -21.07 7.59
C LEU B 31 20.05 -21.15 7.21
N GLN B 32 20.79 -20.10 7.55
CA GLN B 32 22.18 -19.97 7.13
C GLN B 32 23.13 -20.86 7.90
N GLN B 33 22.70 -21.46 9.01
CA GLN B 33 23.58 -22.28 9.85
C GLN B 33 23.32 -23.77 9.72
N CYS B 34 22.31 -24.18 8.96
CA CYS B 34 22.05 -25.61 8.81
C CYS B 34 23.01 -26.21 7.78
N PRO B 35 23.45 -27.46 7.99
CA PRO B 35 24.38 -28.08 7.06
C PRO B 35 23.74 -28.36 5.71
N PHE B 36 24.60 -28.67 4.74
CA PHE B 36 24.15 -28.85 3.36
C PHE B 36 23.22 -30.05 3.23
N GLU B 37 23.56 -31.17 3.90
CA GLU B 37 22.76 -32.38 3.75
C GLU B 37 21.35 -32.19 4.27
N ASP B 38 21.16 -31.36 5.30
CA ASP B 38 19.82 -31.09 5.80
C ASP B 38 19.00 -30.30 4.77
N HIS B 39 19.63 -29.33 4.11
CA HIS B 39 18.92 -28.57 3.07
C HIS B 39 18.57 -29.45 1.88
N VAL B 40 19.40 -30.45 1.57
CA VAL B 40 19.05 -31.39 0.51
C VAL B 40 17.82 -32.19 0.89
N LYS B 41 17.68 -32.52 2.19
CA LYS B 41 16.50 -33.22 2.67
C LYS B 41 15.26 -32.36 2.53
N LEU B 42 15.37 -31.06 2.86
CA LEU B 42 14.23 -30.16 2.73
C LEU B 42 13.83 -29.98 1.27
N VAL B 43 14.81 -29.83 0.38
CA VAL B 43 14.51 -29.62 -1.04
C VAL B 43 13.76 -30.82 -1.61
N ASN B 44 14.25 -32.03 -1.32
CA ASN B 44 13.60 -33.23 -1.84
C ASN B 44 12.17 -33.35 -1.31
N GLU B 45 11.94 -32.96 -0.06
CA GLU B 45 10.59 -33.01 0.50
C GLU B 45 9.70 -31.96 -0.14
N VAL B 46 10.22 -30.75 -0.36
CA VAL B 46 9.45 -29.70 -1.01
C VAL B 46 9.14 -30.09 -2.45
N THR B 47 10.12 -30.71 -3.14
CA THR B 47 9.92 -31.09 -4.53
C THR B 47 8.89 -32.21 -4.66
N GLU B 48 8.95 -33.20 -3.78
CA GLU B 48 7.98 -34.30 -3.82
C GLU B 48 6.57 -33.81 -3.53
N PHE B 49 6.44 -32.85 -2.61
CA PHE B 49 5.13 -32.28 -2.34
C PHE B 49 4.62 -31.49 -3.54
N ALA B 50 5.51 -30.78 -4.23
CA ALA B 50 5.09 -30.02 -5.41
C ALA B 50 4.61 -30.94 -6.52
N LYS B 51 5.19 -32.14 -6.63
CA LYS B 51 4.75 -33.08 -7.66
C LYS B 51 3.34 -33.59 -7.40
N THR B 52 2.94 -33.71 -6.13
CA THR B 52 1.57 -34.10 -5.83
C THR B 52 0.58 -33.03 -6.25
N CYS B 53 0.98 -31.75 -6.15
CA CYS B 53 0.12 -30.66 -6.60
C CYS B 53 0.06 -30.56 -8.11
N VAL B 54 1.16 -30.90 -8.80
CA VAL B 54 1.14 -30.94 -10.25
C VAL B 54 0.20 -32.03 -10.74
N ALA B 55 0.24 -33.20 -10.10
CA ALA B 55 -0.66 -34.29 -10.49
C ALA B 55 -2.11 -33.95 -10.17
N ASP B 56 -2.36 -33.40 -8.99
CA ASP B 56 -3.71 -33.04 -8.56
C ASP B 56 -3.63 -31.70 -7.84
N GLU B 57 -4.16 -30.65 -8.48
CA GLU B 57 -4.13 -29.32 -7.88
C GLU B 57 -5.04 -29.20 -6.66
N SER B 58 -5.96 -30.14 -6.48
CA SER B 58 -6.88 -30.12 -5.35
C SER B 58 -6.38 -30.96 -4.17
N ALA B 59 -5.15 -31.46 -4.23
CA ALA B 59 -4.61 -32.24 -3.12
C ALA B 59 -4.44 -31.37 -1.89
N GLU B 60 -4.28 -32.02 -0.74
CA GLU B 60 -4.22 -31.32 0.53
C GLU B 60 -3.02 -30.37 0.57
N ASN B 61 -3.25 -29.16 1.09
CA ASN B 61 -2.28 -28.09 1.27
C ASN B 61 -1.78 -27.51 -0.04
N CYS B 62 -2.22 -28.02 -1.19
CA CYS B 62 -1.79 -27.46 -2.46
C CYS B 62 -2.40 -26.10 -2.74
N ASP B 63 -3.53 -25.77 -2.11
CA ASP B 63 -4.16 -24.47 -2.30
C ASP B 63 -3.57 -23.39 -1.41
N LYS B 64 -2.62 -23.73 -0.54
CA LYS B 64 -1.98 -22.74 0.30
C LYS B 64 -1.11 -21.80 -0.53
N SER B 65 -0.80 -20.64 0.03
CA SER B 65 0.12 -19.72 -0.61
C SER B 65 1.55 -20.20 -0.43
N LEU B 66 2.45 -19.62 -1.23
CA LEU B 66 3.85 -19.99 -1.13
C LEU B 66 4.45 -19.59 0.21
N HIS B 67 4.10 -18.39 0.70
CA HIS B 67 4.60 -17.96 2.00
C HIS B 67 4.06 -18.83 3.13
N THR B 68 2.81 -19.28 3.00
CA THR B 68 2.25 -20.19 4.00
C THR B 68 3.00 -21.52 4.01
N LEU B 69 3.20 -22.10 2.82
CA LEU B 69 3.89 -23.38 2.74
C LEU B 69 5.35 -23.26 3.15
N PHE B 70 6.02 -22.18 2.75
CA PHE B 70 7.41 -21.99 3.10
C PHE B 70 7.58 -21.77 4.60
N GLY B 71 6.74 -20.90 5.18
CA GLY B 71 6.83 -20.65 6.61
C GLY B 71 6.50 -21.87 7.44
N ASP B 72 5.48 -22.63 7.03
CA ASP B 72 5.14 -23.86 7.73
C ASP B 72 6.29 -24.84 7.68
N LYS B 73 6.90 -25.02 6.49
CA LYS B 73 8.04 -25.91 6.37
C LYS B 73 9.22 -25.42 7.17
N LEU B 74 9.39 -24.10 7.27
CA LEU B 74 10.50 -23.56 8.06
C LEU B 74 10.31 -23.81 9.54
N CYS B 75 9.06 -23.86 10.00
CA CYS B 75 8.76 -24.04 11.42
C CYS B 75 8.77 -25.51 11.85
N THR B 76 8.94 -26.44 10.91
CA THR B 76 9.08 -27.85 11.25
C THR B 76 10.51 -28.25 11.55
N VAL B 77 11.47 -27.34 11.37
CA VAL B 77 12.86 -27.63 11.69
C VAL B 77 12.99 -27.81 13.19
N ALA B 78 13.48 -28.98 13.61
CA ALA B 78 13.55 -29.29 15.04
C ALA B 78 14.58 -28.43 15.77
N THR B 79 15.65 -28.02 15.07
CA THR B 79 16.69 -27.20 15.66
C THR B 79 16.44 -25.71 15.47
N LEU B 80 15.18 -25.28 15.39
CA LEU B 80 14.89 -23.88 15.10
C LEU B 80 15.20 -23.00 16.32
N ARG B 81 14.63 -23.34 17.48
CA ARG B 81 14.90 -22.56 18.68
C ARG B 81 16.31 -22.80 19.21
N GLU B 82 16.86 -24.00 19.00
CA GLU B 82 18.19 -24.30 19.49
C GLU B 82 19.26 -23.52 18.72
N THR B 83 19.14 -23.48 17.39
CA THR B 83 20.16 -22.85 16.56
C THR B 83 19.88 -21.37 16.33
N TYR B 84 18.65 -21.02 15.93
CA TYR B 84 18.32 -19.66 15.53
C TYR B 84 17.60 -18.87 16.62
N GLY B 85 17.23 -19.52 17.72
CA GLY B 85 16.70 -18.83 18.88
C GLY B 85 15.44 -18.02 18.64
N GLU B 86 15.59 -16.70 18.52
CA GLU B 86 14.45 -15.81 18.40
C GLU B 86 13.68 -16.01 17.10
N MET B 87 14.29 -16.65 16.10
CA MET B 87 13.58 -16.90 14.85
C MET B 87 12.46 -17.90 15.03
N ALA B 88 12.57 -18.78 16.03
CA ALA B 88 11.49 -19.74 16.30
C ALA B 88 10.25 -19.04 16.84
N ASP B 89 10.42 -17.89 17.50
CA ASP B 89 9.27 -17.14 17.99
C ASP B 89 8.42 -16.58 16.86
N CYS B 90 8.98 -16.47 15.65
CA CYS B 90 8.20 -16.01 14.51
C CYS B 90 7.06 -16.97 14.16
N CYS B 91 7.18 -18.25 14.55
CA CYS B 91 6.19 -19.24 14.17
C CYS B 91 4.87 -19.06 14.90
N ALA B 92 4.85 -18.33 16.00
CA ALA B 92 3.61 -18.05 16.71
C ALA B 92 2.74 -17.00 16.01
N LYS B 93 3.27 -16.36 14.97
CA LYS B 93 2.55 -15.32 14.25
C LYS B 93 1.95 -15.88 12.96
N GLN B 94 0.90 -15.19 12.49
CA GLN B 94 0.29 -15.57 11.22
C GLN B 94 1.13 -15.08 10.06
N GLU B 95 0.86 -15.63 8.88
CA GLU B 95 1.73 -15.40 7.73
C GLU B 95 1.89 -13.92 7.34
N PRO B 96 0.87 -13.06 7.43
CA PRO B 96 1.13 -11.63 7.16
C PRO B 96 2.21 -11.04 8.05
N GLU B 97 2.40 -11.57 9.27
CA GLU B 97 3.44 -11.08 10.16
C GLU B 97 4.56 -12.10 10.39
N ARG B 98 4.33 -13.37 10.05
CA ARG B 98 5.36 -14.39 10.27
C ARG B 98 6.53 -14.21 9.33
N ASN B 99 6.26 -14.00 8.04
CA ASN B 99 7.34 -13.83 7.07
C ASN B 99 8.12 -12.55 7.32
N GLU B 100 7.44 -11.49 7.74
CA GLU B 100 8.14 -10.25 8.08
C GLU B 100 9.05 -10.47 9.29
N CYS B 101 8.62 -11.29 10.24
CA CYS B 101 9.46 -11.65 11.36
C CYS B 101 10.68 -12.44 10.90
N PHE B 102 10.51 -13.29 9.89
CA PHE B 102 11.65 -14.01 9.33
C PHE B 102 12.63 -13.07 8.64
N LEU B 103 12.10 -12.07 7.91
CA LEU B 103 12.96 -11.13 7.20
C LEU B 103 13.80 -10.29 8.16
N GLN B 104 13.25 -9.97 9.33
CA GLN B 104 13.99 -9.15 10.29
C GLN B 104 15.16 -9.90 10.92
N HIS B 105 15.16 -11.23 10.86
CA HIS B 105 16.21 -12.04 11.47
C HIS B 105 17.18 -12.61 10.45
N LYS B 106 17.14 -12.14 9.20
CA LYS B 106 18.13 -12.53 8.22
C LYS B 106 19.47 -11.88 8.55
N ASP B 107 20.47 -12.69 8.87
CA ASP B 107 21.78 -12.17 9.23
C ASP B 107 22.48 -11.64 7.99
N ASP B 108 22.78 -10.33 7.99
CA ASP B 108 23.40 -9.71 6.83
C ASP B 108 24.83 -10.21 6.62
N ASN B 109 25.59 -10.32 7.71
CA ASN B 109 26.97 -10.80 7.66
C ASN B 109 27.14 -11.91 8.66
N PRO B 110 26.86 -13.16 8.28
CA PRO B 110 27.03 -14.28 9.20
C PRO B 110 28.50 -14.58 9.44
N ASN B 111 28.77 -15.19 10.59
CA ASN B 111 30.13 -15.55 10.98
C ASN B 111 30.45 -16.93 10.41
N LEU B 112 30.82 -16.94 9.13
CA LEU B 112 31.17 -18.16 8.43
C LEU B 112 32.62 -18.11 7.96
N PRO B 113 33.34 -19.23 8.03
CA PRO B 113 34.74 -19.22 7.58
C PRO B 113 34.84 -19.01 6.08
N ARG B 114 36.00 -18.49 5.66
CA ARG B 114 36.19 -18.21 4.25
C ARG B 114 36.23 -19.49 3.43
N LEU B 115 35.87 -19.38 2.16
CA LEU B 115 35.85 -20.53 1.27
C LEU B 115 37.23 -20.78 0.71
N VAL B 116 37.72 -22.01 0.88
CA VAL B 116 39.04 -22.42 0.41
C VAL B 116 38.89 -23.08 -0.96
N ARG B 117 39.62 -22.56 -1.94
CA ARG B 117 39.63 -23.17 -3.27
C ARG B 117 40.45 -24.45 -3.24
N PRO B 118 39.86 -25.61 -3.55
CA PRO B 118 40.65 -26.85 -3.57
C PRO B 118 41.60 -26.89 -4.75
N GLU B 119 42.41 -27.96 -4.83
CA GLU B 119 43.29 -28.14 -5.97
C GLU B 119 42.49 -28.43 -7.23
N VAL B 120 43.08 -28.10 -8.38
CA VAL B 120 42.38 -28.24 -9.66
C VAL B 120 41.97 -29.68 -9.90
N ASP B 121 42.87 -30.63 -9.61
CA ASP B 121 42.54 -32.03 -9.79
C ASP B 121 41.42 -32.48 -8.86
N VAL B 122 41.35 -31.90 -7.65
CA VAL B 122 40.30 -32.27 -6.71
C VAL B 122 38.94 -31.78 -7.20
N MET B 123 38.89 -30.54 -7.72
CA MET B 123 37.62 -30.00 -8.19
C MET B 123 37.11 -30.76 -9.41
N CYS B 124 38.00 -31.04 -10.37
CA CYS B 124 37.57 -31.73 -11.59
C CYS B 124 37.11 -33.15 -11.29
N THR B 125 37.78 -33.85 -10.37
CA THR B 125 37.32 -35.17 -9.98
C THR B 125 35.96 -35.10 -9.28
N ALA B 126 35.80 -34.14 -8.36
CA ALA B 126 34.52 -33.97 -7.69
C ALA B 126 33.42 -33.57 -8.67
N PHE B 127 33.75 -32.69 -9.63
CA PHE B 127 32.76 -32.28 -10.62
C PHE B 127 32.33 -33.45 -11.50
N HIS B 128 33.24 -34.40 -11.75
CA HIS B 128 32.88 -35.56 -12.55
C HIS B 128 32.15 -36.62 -11.75
N ASP B 129 32.48 -36.79 -10.47
CA ASP B 129 31.86 -37.83 -9.67
C ASP B 129 30.38 -37.52 -9.42
N ASN B 130 30.07 -36.29 -9.03
CA ASN B 130 28.68 -35.90 -8.74
C ASN B 130 28.53 -34.43 -9.12
N GLU B 131 28.22 -34.19 -10.40
CA GLU B 131 28.09 -32.82 -10.89
C GLU B 131 26.94 -32.09 -10.21
N GLU B 132 25.85 -32.79 -9.92
CA GLU B 132 24.67 -32.14 -9.36
C GLU B 132 24.95 -31.58 -7.97
N THR B 133 25.47 -32.41 -7.06
CA THR B 133 25.78 -31.92 -5.73
C THR B 133 26.93 -30.91 -5.75
N PHE B 134 27.83 -31.03 -6.73
CA PHE B 134 28.90 -30.06 -6.88
C PHE B 134 28.35 -28.65 -7.06
N LEU B 135 27.41 -28.49 -7.99
CA LEU B 135 26.85 -27.17 -8.26
C LEU B 135 25.89 -26.73 -7.16
N LYS B 136 25.22 -27.67 -6.49
CA LYS B 136 24.32 -27.30 -5.41
C LYS B 136 25.09 -26.87 -4.16
N LYS B 137 26.27 -27.44 -3.94
CA LYS B 137 27.11 -26.97 -2.84
C LYS B 137 27.53 -25.52 -3.05
N TYR B 138 27.82 -25.15 -4.30
CA TYR B 138 28.12 -23.74 -4.60
C TYR B 138 26.93 -22.85 -4.27
N LEU B 139 25.73 -23.24 -4.70
CA LEU B 139 24.53 -22.45 -4.41
C LEU B 139 24.32 -22.33 -2.91
N TYR B 140 24.55 -23.41 -2.16
CA TYR B 140 24.32 -23.39 -0.73
C TYR B 140 25.29 -22.44 -0.01
N GLU B 141 26.58 -22.49 -0.38
CA GLU B 141 27.58 -21.71 0.33
C GLU B 141 27.43 -20.22 0.08
N ILE B 142 27.07 -19.83 -1.15
CA ILE B 142 26.94 -18.42 -1.47
C ILE B 142 25.62 -17.86 -0.95
N ALA B 143 24.54 -18.63 -1.05
CA ALA B 143 23.23 -18.15 -0.60
C ALA B 143 23.24 -17.88 0.90
N ARG B 144 23.88 -18.77 1.68
CA ARG B 144 23.90 -18.58 3.13
C ARG B 144 24.77 -17.42 3.55
N ARG B 145 25.72 -16.99 2.72
CA ARG B 145 26.55 -15.84 3.02
C ARG B 145 25.96 -14.53 2.49
N HIS B 146 24.98 -14.60 1.60
CA HIS B 146 24.34 -13.42 1.04
C HIS B 146 22.84 -13.66 0.98
N PRO B 147 22.14 -13.51 2.11
CA PRO B 147 20.71 -13.85 2.15
C PRO B 147 19.82 -12.94 1.32
N TYR B 148 20.34 -11.84 0.78
CA TYR B 148 19.57 -10.96 -0.09
C TYR B 148 19.97 -11.10 -1.56
N PHE B 149 20.90 -11.98 -1.87
CA PHE B 149 21.29 -12.22 -3.26
C PHE B 149 20.10 -12.71 -4.06
N TYR B 150 19.87 -12.10 -5.22
CA TYR B 150 18.76 -12.50 -6.08
C TYR B 150 18.96 -13.93 -6.55
N ALA B 151 18.04 -14.82 -6.13
CA ALA B 151 18.22 -16.24 -6.35
C ALA B 151 18.38 -16.62 -7.82
N PRO B 152 17.58 -16.10 -8.76
CA PRO B 152 17.83 -16.45 -10.17
C PRO B 152 19.20 -16.06 -10.67
N GLU B 153 19.82 -15.03 -10.09
CA GLU B 153 21.17 -14.66 -10.51
C GLU B 153 22.20 -15.68 -10.05
N LEU B 154 21.98 -16.32 -8.90
CA LEU B 154 22.87 -17.40 -8.47
C LEU B 154 22.80 -18.58 -9.43
N LEU B 155 21.61 -18.88 -9.97
CA LEU B 155 21.51 -19.90 -11.00
C LEU B 155 22.31 -19.51 -12.24
N PHE B 156 22.32 -18.22 -12.57
CA PHE B 156 23.11 -17.73 -13.70
C PHE B 156 24.60 -17.96 -13.45
N PHE B 157 25.07 -17.73 -12.22
CA PHE B 157 26.47 -17.99 -11.92
C PHE B 157 26.77 -19.49 -11.89
N ALA B 158 25.85 -20.28 -11.32
CA ALA B 158 26.06 -21.72 -11.24
C ALA B 158 26.19 -22.35 -12.61
N LYS B 159 25.43 -21.85 -13.60
CA LYS B 159 25.54 -22.37 -14.95
C LYS B 159 26.87 -22.02 -15.58
N ARG B 160 27.44 -20.86 -15.23
CA ARG B 160 28.75 -20.48 -15.77
C ARG B 160 29.86 -21.34 -15.18
N TYR B 161 29.72 -21.76 -13.92
CA TYR B 161 30.69 -22.68 -13.34
C TYR B 161 30.66 -24.03 -14.05
N LYS B 162 29.46 -24.53 -14.38
CA LYS B 162 29.37 -25.80 -15.09
C LYS B 162 30.09 -25.74 -16.42
N ALA B 163 29.90 -24.67 -17.18
CA ALA B 163 30.61 -24.51 -18.44
C ALA B 163 32.11 -24.39 -18.24
N ALA B 164 32.54 -23.81 -17.12
CA ALA B 164 33.97 -23.68 -16.85
C ALA B 164 34.61 -25.04 -16.61
N PHE B 165 33.99 -25.87 -15.76
CA PHE B 165 34.54 -27.18 -15.48
C PHE B 165 34.37 -28.15 -16.65
N THR B 166 33.31 -27.97 -17.44
CA THR B 166 33.11 -28.83 -18.61
C THR B 166 34.23 -28.64 -19.63
N GLU B 167 34.62 -27.39 -19.88
CA GLU B 167 35.65 -27.11 -20.87
C GLU B 167 37.05 -27.37 -20.33
N CYS B 168 37.32 -26.94 -19.09
CA CYS B 168 38.70 -26.93 -18.60
C CYS B 168 39.14 -28.30 -18.09
N CYS B 169 38.24 -29.09 -17.49
CA CYS B 169 38.64 -30.39 -16.98
C CYS B 169 38.96 -31.39 -18.08
N GLN B 170 38.73 -31.05 -19.35
CA GLN B 170 39.12 -31.88 -20.47
C GLN B 170 40.24 -31.26 -21.30
N ALA B 171 40.80 -30.13 -20.87
CA ALA B 171 41.88 -29.50 -21.60
C ALA B 171 43.22 -30.12 -21.23
N ALA B 172 44.25 -29.77 -22.03
CA ALA B 172 45.58 -30.30 -21.77
C ALA B 172 46.17 -29.74 -20.48
N ASP B 173 45.93 -28.46 -20.21
CA ASP B 173 46.38 -27.80 -18.98
C ASP B 173 45.12 -27.34 -18.25
N LYS B 174 44.65 -28.15 -17.31
CA LYS B 174 43.41 -27.83 -16.61
C LYS B 174 43.55 -26.57 -15.76
N ALA B 175 44.71 -26.37 -15.14
CA ALA B 175 44.89 -25.23 -14.25
C ALA B 175 44.90 -23.91 -15.02
N ALA B 176 45.63 -23.86 -16.14
CA ALA B 176 45.71 -22.63 -16.92
C ALA B 176 44.35 -22.23 -17.49
N CYS B 177 43.47 -23.21 -17.70
CA CYS B 177 42.13 -22.93 -18.21
C CYS B 177 41.18 -22.50 -17.09
N LEU B 178 41.19 -23.24 -15.98
CA LEU B 178 40.14 -23.12 -14.98
C LEU B 178 40.37 -21.95 -14.03
N LEU B 179 41.62 -21.70 -13.65
CA LEU B 179 41.90 -20.68 -12.64
C LEU B 179 41.51 -19.27 -13.09
N PRO B 180 41.80 -18.82 -14.32
CA PRO B 180 41.31 -17.50 -14.73
C PRO B 180 39.79 -17.42 -14.79
N LYS B 181 39.11 -18.53 -15.10
CA LYS B 181 37.65 -18.52 -15.12
C LYS B 181 37.08 -18.49 -13.70
N LEU B 182 37.72 -19.19 -12.77
CA LEU B 182 37.24 -19.18 -11.39
C LEU B 182 37.47 -17.82 -10.74
N ASP B 183 38.61 -17.19 -11.02
CA ASP B 183 38.88 -15.87 -10.46
C ASP B 183 37.91 -14.83 -11.01
N GLU B 184 37.55 -14.95 -12.29
CA GLU B 184 36.61 -14.01 -12.88
C GLU B 184 35.20 -14.21 -12.33
N LEU B 185 34.79 -15.47 -12.15
CA LEU B 185 33.48 -15.74 -11.55
C LEU B 185 33.44 -15.33 -10.09
N ARG B 186 34.56 -15.46 -9.38
CA ARG B 186 34.60 -15.11 -7.96
C ARG B 186 34.49 -13.60 -7.78
N ASP B 187 35.24 -12.83 -8.56
CA ASP B 187 35.20 -11.38 -8.46
C ASP B 187 33.85 -10.82 -8.90
N GLU B 188 33.27 -11.39 -9.96
CA GLU B 188 31.96 -10.94 -10.41
C GLU B 188 30.88 -11.26 -9.37
N GLY B 189 31.00 -12.41 -8.70
CA GLY B 189 30.02 -12.75 -7.68
C GLY B 189 30.10 -11.84 -6.47
N LYS B 190 31.32 -11.50 -6.03
CA LYS B 190 31.45 -10.56 -4.92
C LYS B 190 31.00 -9.16 -5.31
N ALA B 191 31.33 -8.73 -6.53
CA ALA B 191 30.96 -7.39 -6.96
C ALA B 191 29.44 -7.24 -7.09
N SER B 192 28.76 -8.28 -7.57
CA SER B 192 27.31 -8.22 -7.68
C SER B 192 26.66 -8.07 -6.32
N SER B 193 27.14 -8.80 -5.32
CA SER B 193 26.58 -8.69 -3.98
C SER B 193 26.93 -7.35 -3.35
N ALA B 194 28.13 -6.83 -3.61
CA ALA B 194 28.53 -5.54 -3.06
C ALA B 194 27.75 -4.40 -3.71
N LYS B 195 27.47 -4.51 -5.01
CA LYS B 195 26.68 -3.48 -5.68
C LYS B 195 25.23 -3.47 -5.21
N GLN B 196 24.69 -4.65 -4.89
CA GLN B 196 23.31 -4.71 -4.39
C GLN B 196 23.21 -4.15 -2.98
N ARG B 197 24.17 -4.49 -2.12
CA ARG B 197 24.17 -3.96 -0.75
C ARG B 197 24.32 -2.45 -0.76
N LEU B 198 25.10 -1.91 -1.69
CA LEU B 198 25.30 -0.47 -1.75
C LEU B 198 24.04 0.25 -2.22
N LYS B 199 23.39 -0.26 -3.26
CA LYS B 199 22.17 0.36 -3.75
C LYS B 199 21.06 0.32 -2.71
N CYS B 200 20.98 -0.78 -1.95
CA CYS B 200 19.95 -0.90 -0.93
C CYS B 200 20.21 0.05 0.24
N ALA B 201 21.47 0.22 0.63
CA ALA B 201 21.80 1.15 1.70
C ALA B 201 21.56 2.58 1.26
N SER B 202 21.84 2.90 -0.01
CA SER B 202 21.58 4.25 -0.52
C SER B 202 20.10 4.53 -0.62
N LEU B 203 19.28 3.50 -0.89
CA LEU B 203 17.85 3.69 -1.01
C LEU B 203 17.20 4.03 0.33
N GLN B 204 17.67 3.39 1.40
CA GLN B 204 17.09 3.66 2.72
C GLN B 204 17.56 5.00 3.27
N LYS B 205 18.81 5.38 3.00
CA LYS B 205 19.38 6.59 3.59
C LYS B 205 19.00 7.83 2.78
N PHE B 206 19.44 7.88 1.52
CA PHE B 206 19.26 9.09 0.72
C PHE B 206 17.78 9.31 0.37
N GLY B 207 17.02 8.25 0.21
CA GLY B 207 15.59 8.37 -0.05
C GLY B 207 15.21 7.90 -1.44
N GLU B 208 13.93 8.06 -1.73
CA GLU B 208 13.37 7.57 -3.00
C GLU B 208 13.60 8.55 -4.14
N ARG B 209 13.67 9.85 -3.85
CA ARG B 209 13.91 10.84 -4.91
C ARG B 209 15.31 10.69 -5.48
N ALA B 210 16.31 10.62 -4.61
CA ALA B 210 17.69 10.45 -5.09
C ALA B 210 17.86 9.18 -5.90
N PHE B 211 17.11 8.12 -5.55
CA PHE B 211 17.18 6.90 -6.34
C PHE B 211 16.53 7.09 -7.70
N LYS B 212 15.37 7.74 -7.75
CA LYS B 212 14.71 7.98 -9.03
C LYS B 212 15.58 8.83 -9.95
N ALA B 213 16.24 9.85 -9.40
CA ALA B 213 17.16 10.65 -10.20
C ALA B 213 18.27 9.78 -10.80
N TRP B 214 18.82 8.86 -10.00
CA TRP B 214 19.80 7.92 -10.52
C TRP B 214 19.20 7.04 -11.60
N ALA B 215 17.97 6.57 -11.39
CA ALA B 215 17.33 5.67 -12.35
C ALA B 215 17.03 6.37 -13.67
N VAL B 216 16.57 7.62 -13.60
CA VAL B 216 16.29 8.37 -14.83
C VAL B 216 17.54 8.50 -15.67
N ALA B 217 18.66 8.88 -15.04
CA ALA B 217 19.89 9.07 -15.78
C ALA B 217 20.37 7.76 -16.40
N ARG B 218 20.33 6.66 -15.64
CA ARG B 218 20.83 5.40 -16.16
C ARG B 218 19.91 4.83 -17.24
N LEU B 219 18.60 4.93 -17.05
CA LEU B 219 17.67 4.44 -18.06
C LEU B 219 17.72 5.28 -19.34
N SER B 220 17.95 6.58 -19.21
CA SER B 220 18.03 7.42 -20.40
C SER B 220 19.29 7.11 -21.21
N GLN B 221 20.41 6.83 -20.53
CA GLN B 221 21.60 6.35 -21.24
C GLN B 221 21.32 5.00 -21.89
N ARG B 222 20.63 4.11 -21.18
CA ARG B 222 20.37 2.78 -21.70
C ARG B 222 19.37 2.80 -22.85
N PHE B 223 18.30 3.58 -22.72
CA PHE B 223 17.21 3.63 -23.68
C PHE B 223 17.04 5.06 -24.18
N PRO B 224 17.98 5.55 -25.00
CA PRO B 224 17.91 6.96 -25.43
C PRO B 224 16.77 7.24 -26.40
N LYS B 225 16.20 6.24 -27.05
CA LYS B 225 15.10 6.46 -27.98
C LYS B 225 13.75 6.56 -27.29
N ALA B 226 13.62 6.03 -26.08
CA ALA B 226 12.36 6.08 -25.36
C ALA B 226 12.04 7.51 -24.94
N GLU B 227 10.75 7.84 -24.93
CA GLU B 227 10.31 9.16 -24.52
C GLU B 227 10.40 9.29 -23.00
N PHE B 228 10.27 10.53 -22.52
CA PHE B 228 10.40 10.79 -21.09
C PHE B 228 9.27 10.14 -20.30
N ALA B 229 8.07 10.10 -20.88
CA ALA B 229 6.96 9.42 -20.20
C ALA B 229 7.23 7.93 -20.07
N GLU B 230 7.87 7.33 -21.07
CA GLU B 230 8.21 5.91 -20.99
C GLU B 230 9.32 5.67 -19.98
N VAL B 231 10.32 6.56 -19.93
CA VAL B 231 11.39 6.43 -18.95
C VAL B 231 10.84 6.62 -17.54
N SER B 232 9.95 7.59 -17.36
CA SER B 232 9.37 7.84 -16.04
C SER B 232 8.56 6.64 -15.55
N LYS B 233 7.85 5.98 -16.47
CA LYS B 233 7.10 4.78 -16.10
C LYS B 233 8.04 3.65 -15.70
N LEU B 234 9.13 3.48 -16.44
CA LEU B 234 10.11 2.45 -16.10
C LEU B 234 10.81 2.77 -14.78
N VAL B 235 11.10 4.05 -14.53
CA VAL B 235 11.75 4.44 -13.29
C VAL B 235 10.86 4.16 -12.09
N THR B 236 9.57 4.47 -12.21
CA THR B 236 8.65 4.18 -11.11
C THR B 236 8.57 2.69 -10.83
N ASP B 237 8.50 1.87 -11.89
CA ASP B 237 8.47 0.42 -11.71
C ASP B 237 9.81 -0.09 -11.16
N LEU B 238 10.92 0.42 -11.68
CA LEU B 238 12.23 -0.01 -11.20
C LEU B 238 12.43 0.36 -9.74
N THR B 239 11.89 1.51 -9.32
CA THR B 239 12.00 1.93 -7.93
C THR B 239 11.25 0.98 -7.01
N LYS B 240 10.05 0.56 -7.41
CA LYS B 240 9.30 -0.42 -6.62
C LYS B 240 10.03 -1.75 -6.55
N VAL B 241 10.69 -2.13 -7.65
CA VAL B 241 11.43 -3.39 -7.67
C VAL B 241 12.55 -3.39 -6.64
N HIS B 242 13.38 -2.34 -6.66
CA HIS B 242 14.49 -2.27 -5.73
C HIS B 242 14.01 -2.17 -4.28
N THR B 243 12.90 -1.46 -4.05
CA THR B 243 12.38 -1.34 -2.69
C THR B 243 12.00 -2.70 -2.12
N GLU B 244 11.38 -3.55 -2.94
CA GLU B 244 10.98 -4.87 -2.46
C GLU B 244 12.16 -5.84 -2.41
N CYS B 245 13.01 -5.82 -3.45
CA CYS B 245 14.16 -6.72 -3.46
C CYS B 245 15.12 -6.41 -2.33
N CYS B 246 15.24 -5.14 -1.94
CA CYS B 246 16.06 -4.79 -0.79
C CYS B 246 15.40 -5.19 0.53
N HIS B 247 14.08 -5.36 0.53
CA HIS B 247 13.38 -5.76 1.76
C HIS B 247 13.64 -7.22 2.11
N GLY B 248 13.96 -8.05 1.11
CA GLY B 248 14.32 -9.43 1.34
C GLY B 248 13.28 -10.45 0.88
N ASP B 249 12.06 -10.04 0.60
CA ASP B 249 11.02 -10.98 0.17
C ASP B 249 11.30 -11.42 -1.25
N LEU B 250 11.73 -12.67 -1.42
CA LEU B 250 12.13 -13.16 -2.73
C LEU B 250 10.95 -13.22 -3.69
N LEU B 251 9.76 -13.59 -3.19
CA LEU B 251 8.61 -13.75 -4.06
C LEU B 251 8.17 -12.42 -4.66
N GLU B 252 7.99 -11.40 -3.82
CA GLU B 252 7.61 -10.08 -4.32
C GLU B 252 8.67 -9.53 -5.25
N CYS B 253 9.94 -9.78 -4.95
CA CYS B 253 11.03 -9.29 -5.80
C CYS B 253 10.99 -9.95 -7.18
N ALA B 254 10.84 -11.27 -7.22
CA ALA B 254 10.92 -11.98 -8.49
C ALA B 254 9.70 -11.72 -9.36
N ASP B 255 8.51 -11.66 -8.75
CA ASP B 255 7.31 -11.42 -9.54
C ASP B 255 7.29 -10.02 -10.13
N ASP B 256 7.79 -9.03 -9.38
CA ASP B 256 7.83 -7.67 -9.91
C ASP B 256 8.93 -7.49 -10.94
N ARG B 257 10.05 -8.21 -10.79
CA ARG B 257 11.05 -8.21 -11.85
C ARG B 257 10.53 -8.92 -13.10
N ALA B 258 9.75 -9.99 -12.93
CA ALA B 258 9.16 -10.67 -14.07
C ALA B 258 8.15 -9.77 -14.78
N ASP B 259 7.35 -9.04 -14.01
CA ASP B 259 6.38 -8.11 -14.62
C ASP B 259 7.09 -7.01 -15.39
N LEU B 260 8.21 -6.49 -14.86
CA LEU B 260 8.90 -5.41 -15.55
C LEU B 260 9.56 -5.89 -16.82
N ALA B 261 10.20 -7.07 -16.78
CA ALA B 261 10.80 -7.62 -18.00
C ALA B 261 9.74 -7.95 -19.05
N LYS B 262 8.56 -8.38 -18.61
CA LYS B 262 7.48 -8.67 -19.55
C LYS B 262 7.02 -7.39 -20.24
N TYR B 263 6.81 -6.32 -19.47
CA TYR B 263 6.37 -5.06 -20.07
C TYR B 263 7.43 -4.51 -21.02
N ILE B 264 8.70 -4.59 -20.64
CA ILE B 264 9.77 -4.08 -21.51
C ILE B 264 9.81 -4.87 -22.81
N CYS B 265 9.62 -6.19 -22.73
CA CYS B 265 9.70 -7.01 -23.94
C CYS B 265 8.48 -6.83 -24.84
N GLU B 266 7.36 -6.41 -24.28
CA GLU B 266 6.16 -6.16 -25.09
C GLU B 266 6.15 -4.77 -25.70
N ASN B 267 7.06 -3.88 -25.29
CA ASN B 267 7.12 -2.51 -25.79
C ASN B 267 8.53 -2.19 -26.26
N GLN B 268 9.15 -3.11 -27.00
CA GLN B 268 10.53 -2.91 -27.43
C GLN B 268 10.67 -1.73 -28.37
N ASP B 269 9.69 -1.54 -29.26
CA ASP B 269 9.80 -0.49 -30.27
C ASP B 269 9.75 0.91 -29.67
N SER B 270 9.27 1.04 -28.43
CA SER B 270 9.23 2.33 -27.75
C SER B 270 10.22 2.42 -26.59
N ILE B 271 11.19 1.50 -26.54
CA ILE B 271 12.17 1.48 -25.46
C ILE B 271 13.58 1.35 -26.04
N SER B 272 13.87 0.23 -26.69
CA SER B 272 15.20 0.00 -27.23
C SER B 272 15.14 -1.09 -28.29
N SER B 273 16.08 -1.04 -29.22
CA SER B 273 16.21 -2.04 -30.28
C SER B 273 17.21 -3.14 -29.95
N LYS B 274 17.88 -3.05 -28.80
CA LYS B 274 18.90 -4.01 -28.40
C LYS B 274 18.34 -5.14 -27.53
N LEU B 275 17.02 -5.21 -27.36
CA LEU B 275 16.40 -6.11 -26.40
C LEU B 275 15.89 -7.41 -27.03
N LYS B 276 16.15 -7.63 -28.32
CA LYS B 276 15.58 -8.79 -28.98
C LYS B 276 16.18 -10.09 -28.45
N GLU B 277 17.49 -10.09 -28.17
CA GLU B 277 18.14 -11.31 -27.68
C GLU B 277 17.66 -11.66 -26.28
N CYS B 278 17.59 -10.67 -25.39
CA CYS B 278 17.18 -10.92 -24.01
C CYS B 278 15.73 -11.38 -23.92
N CYS B 279 14.87 -10.89 -24.81
CA CYS B 279 13.44 -11.15 -24.72
C CYS B 279 13.03 -12.50 -25.28
N GLU B 280 13.90 -13.15 -26.05
CA GLU B 280 13.64 -14.51 -26.52
C GLU B 280 14.31 -15.56 -25.64
N LYS B 281 14.94 -15.15 -24.55
CA LYS B 281 15.50 -16.07 -23.57
C LYS B 281 14.40 -16.60 -22.65
N PRO B 282 14.67 -17.67 -21.92
CA PRO B 282 13.69 -18.17 -20.94
C PRO B 282 13.30 -17.09 -19.94
N LEU B 283 12.10 -17.27 -19.37
CA LEU B 283 11.55 -16.24 -18.48
C LEU B 283 12.40 -16.04 -17.25
N LEU B 284 13.07 -17.10 -16.78
CA LEU B 284 13.90 -16.99 -15.58
C LEU B 284 15.10 -16.08 -15.80
N GLU B 285 15.50 -15.85 -17.04
CA GLU B 285 16.70 -15.08 -17.36
C GLU B 285 16.39 -13.71 -17.94
N LYS B 286 15.12 -13.32 -18.05
CA LYS B 286 14.77 -12.09 -18.76
C LYS B 286 15.25 -10.85 -18.02
N SER B 287 14.81 -10.68 -16.77
CA SER B 287 15.11 -9.45 -16.03
C SER B 287 16.61 -9.26 -15.86
N HIS B 288 17.34 -10.35 -15.57
CA HIS B 288 18.78 -10.24 -15.44
C HIS B 288 19.43 -9.84 -16.76
N CYS B 289 18.97 -10.41 -17.87
CA CYS B 289 19.54 -10.08 -19.17
C CYS B 289 19.30 -8.61 -19.53
N ILE B 290 18.08 -8.11 -19.29
CA ILE B 290 17.75 -6.74 -19.65
C ILE B 290 18.56 -5.77 -18.81
N ALA B 291 18.82 -6.10 -17.55
CA ALA B 291 19.60 -5.23 -16.68
C ALA B 291 21.03 -5.04 -17.18
N GLU B 292 21.54 -5.97 -17.98
CA GLU B 292 22.89 -5.89 -18.52
C GLU B 292 22.92 -5.57 -20.02
N VAL B 293 21.77 -5.17 -20.59
CA VAL B 293 21.72 -4.91 -22.02
C VAL B 293 22.59 -3.71 -22.36
N GLU B 294 23.11 -3.69 -23.59
CA GLU B 294 23.97 -2.61 -24.04
C GLU B 294 23.15 -1.35 -24.30
N ASN B 295 23.85 -0.21 -24.27
CA ASN B 295 23.21 1.06 -24.60
C ASN B 295 22.80 1.09 -26.06
N ASP B 296 21.56 1.48 -26.31
CA ASP B 296 21.10 1.67 -27.68
C ASP B 296 21.71 2.94 -28.27
N GLU B 297 21.74 3.00 -29.59
CA GLU B 297 22.23 4.20 -30.27
C GLU B 297 21.23 5.34 -30.07
N MET B 298 21.75 6.52 -29.78
CA MET B 298 20.88 7.67 -29.58
C MET B 298 20.33 8.16 -30.92
N PRO B 299 19.17 8.83 -30.91
CA PRO B 299 18.67 9.43 -32.15
C PRO B 299 19.65 10.47 -32.68
N ALA B 300 19.77 10.51 -34.00
CA ALA B 300 20.71 11.43 -34.64
C ALA B 300 20.10 12.82 -34.76
N ASP B 301 20.97 13.82 -34.81
CA ASP B 301 20.58 15.22 -34.99
C ASP B 301 19.61 15.68 -33.90
N LEU B 302 19.91 15.32 -32.65
CA LEU B 302 19.09 15.78 -31.54
C LEU B 302 19.36 17.26 -31.26
N PRO B 303 18.32 18.04 -30.99
CA PRO B 303 18.52 19.47 -30.78
C PRO B 303 19.25 19.77 -29.48
N SER B 304 19.75 21.00 -29.38
CA SER B 304 20.45 21.43 -28.18
C SER B 304 19.48 21.57 -27.01
N LEU B 305 20.04 21.54 -25.80
CA LEU B 305 19.25 21.68 -24.60
C LEU B 305 18.96 23.13 -24.24
N ALA B 306 19.64 24.08 -24.90
CA ALA B 306 19.40 25.50 -24.60
C ALA B 306 17.99 25.92 -24.99
N ALA B 307 17.41 25.29 -26.02
CA ALA B 307 16.10 25.70 -26.51
C ALA B 307 15.02 25.50 -25.44
N ASP B 308 15.03 24.35 -24.77
CA ASP B 308 14.00 24.04 -23.79
C ASP B 308 14.38 24.45 -22.37
N PHE B 309 15.67 24.59 -22.07
CA PHE B 309 16.12 24.78 -20.70
C PHE B 309 16.90 26.06 -20.47
N VAL B 310 17.13 26.88 -21.50
CA VAL B 310 17.86 28.13 -21.33
C VAL B 310 17.17 29.24 -22.12
N GLU B 311 16.94 29.00 -23.42
CA GLU B 311 16.44 30.05 -24.30
C GLU B 311 14.93 30.27 -24.15
N SER B 312 14.18 29.23 -23.78
CA SER B 312 12.74 29.35 -23.68
C SER B 312 12.35 30.35 -22.59
N LYS B 313 11.21 31.00 -22.80
CA LYS B 313 10.65 31.95 -21.84
C LYS B 313 9.82 31.28 -20.76
N ASP B 314 9.51 29.99 -20.91
CA ASP B 314 8.72 29.25 -19.93
C ASP B 314 9.58 28.36 -19.05
N VAL B 315 10.89 28.63 -18.97
CA VAL B 315 11.76 27.80 -18.13
C VAL B 315 11.33 27.85 -16.68
N CYS B 316 11.23 29.07 -16.12
CA CYS B 316 10.84 29.21 -14.72
C CYS B 316 9.39 28.79 -14.50
N LYS B 317 8.52 28.98 -15.49
CA LYS B 317 7.13 28.59 -15.34
C LYS B 317 6.97 27.08 -15.36
N ASN B 318 7.62 26.42 -16.34
CA ASN B 318 7.56 24.96 -16.40
C ASN B 318 8.25 24.32 -15.20
N TYR B 319 9.33 24.94 -14.71
CA TYR B 319 10.01 24.43 -13.52
C TYR B 319 9.13 24.57 -12.29
N ALA B 320 8.46 25.70 -12.14
CA ALA B 320 7.64 25.93 -10.95
C ALA B 320 6.42 25.02 -10.91
N GLU B 321 5.91 24.62 -12.07
CA GLU B 321 4.73 23.75 -12.08
C GLU B 321 5.03 22.38 -11.48
N ALA B 322 6.20 21.82 -11.80
CA ALA B 322 6.59 20.53 -11.24
C ALA B 322 8.12 20.46 -11.31
N LYS B 323 8.77 20.77 -10.18
CA LYS B 323 10.22 20.93 -10.18
C LYS B 323 10.93 19.62 -10.50
N ASP B 324 10.53 18.53 -9.84
CA ASP B 324 11.19 17.25 -10.09
C ASP B 324 10.94 16.74 -11.50
N VAL B 325 9.75 17.00 -12.05
CA VAL B 325 9.47 16.59 -13.42
C VAL B 325 10.36 17.35 -14.39
N PHE B 326 10.44 18.67 -14.24
CA PHE B 326 11.29 19.46 -15.12
C PHE B 326 12.76 19.08 -14.97
N LEU B 327 13.22 18.88 -13.74
CA LEU B 327 14.59 18.43 -13.52
C LEU B 327 14.79 17.02 -14.05
N GLY B 328 13.76 16.16 -13.93
CA GLY B 328 13.84 14.84 -14.52
C GLY B 328 13.93 14.90 -16.03
N MET B 329 13.24 15.87 -16.65
CA MET B 329 13.34 16.05 -18.09
C MET B 329 14.71 16.55 -18.49
N PHE B 330 15.26 17.52 -17.74
CA PHE B 330 16.62 17.98 -17.99
C PHE B 330 17.61 16.84 -17.85
N LEU B 331 17.45 16.00 -16.82
CA LEU B 331 18.35 14.87 -16.63
C LEU B 331 18.16 13.83 -17.73
N TYR B 332 16.91 13.58 -18.13
CA TYR B 332 16.64 12.65 -19.21
C TYR B 332 17.30 13.11 -20.51
N GLU B 333 17.12 14.39 -20.86
CA GLU B 333 17.68 14.89 -22.12
C GLU B 333 19.20 14.88 -22.10
N TYR B 334 19.80 15.22 -20.96
CA TYR B 334 21.26 15.26 -20.88
C TYR B 334 21.86 13.87 -20.87
N ALA B 335 21.19 12.92 -20.18
CA ALA B 335 21.74 11.58 -20.06
C ALA B 335 21.71 10.83 -21.39
N ARG B 336 20.59 10.95 -22.12
CA ARG B 336 20.46 10.22 -23.37
C ARG B 336 21.46 10.68 -24.42
N ARG B 337 21.99 11.89 -24.30
CA ARG B 337 22.96 12.42 -25.25
C ARG B 337 24.41 12.13 -24.85
N HIS B 338 24.64 11.68 -23.61
CA HIS B 338 25.98 11.40 -23.12
C HIS B 338 26.01 10.07 -22.38
N PRO B 339 26.01 8.95 -23.11
CA PRO B 339 26.26 7.66 -22.47
C PRO B 339 27.70 7.49 -22.02
N ASP B 340 28.60 8.37 -22.44
CA ASP B 340 29.99 8.34 -22.00
C ASP B 340 30.20 8.97 -20.63
N TYR B 341 29.18 9.65 -20.10
CA TYR B 341 29.29 10.22 -18.76
C TYR B 341 28.97 9.18 -17.70
N SER B 342 29.53 9.38 -16.52
CA SER B 342 29.09 8.61 -15.36
C SER B 342 27.74 9.13 -14.88
N VAL B 343 27.03 8.28 -14.15
CA VAL B 343 25.71 8.67 -13.67
C VAL B 343 25.83 9.80 -12.66
N VAL B 344 26.84 9.74 -11.79
CA VAL B 344 27.01 10.79 -10.78
C VAL B 344 27.41 12.10 -11.43
N LEU B 345 28.09 12.06 -12.58
CA LEU B 345 28.39 13.30 -13.30
C LEU B 345 27.12 13.98 -13.79
N LEU B 346 26.22 13.19 -14.39
CA LEU B 346 24.93 13.74 -14.83
C LEU B 346 24.13 14.27 -13.65
N LEU B 347 24.24 13.65 -12.48
CA LEU B 347 23.54 14.15 -11.31
C LEU B 347 24.14 15.46 -10.81
N ARG B 348 25.46 15.64 -10.96
CA ARG B 348 26.06 16.92 -10.59
C ARG B 348 25.61 18.03 -11.53
N LEU B 349 25.43 17.71 -12.81
CA LEU B 349 24.92 18.70 -13.76
C LEU B 349 23.47 19.05 -13.45
N ALA B 350 22.67 18.05 -13.09
CA ALA B 350 21.27 18.31 -12.73
C ALA B 350 21.18 19.13 -11.45
N LYS B 351 22.06 18.85 -10.47
CA LYS B 351 22.06 19.63 -9.24
C LYS B 351 22.48 21.07 -9.49
N THR B 352 23.47 21.27 -10.38
CA THR B 352 23.88 22.63 -10.72
C THR B 352 22.75 23.38 -11.42
N TYR B 353 22.03 22.70 -12.32
CA TYR B 353 20.89 23.32 -12.98
C TYR B 353 19.78 23.62 -11.99
N GLU B 354 19.56 22.71 -11.02
CA GLU B 354 18.56 22.95 -9.99
C GLU B 354 18.95 24.12 -9.09
N THR B 355 20.23 24.19 -8.70
CA THR B 355 20.67 25.26 -7.82
C THR B 355 20.54 26.62 -8.49
N THR B 356 20.86 26.69 -9.78
CA THR B 356 20.81 27.97 -10.47
C THR B 356 19.37 28.42 -10.74
N LEU B 357 18.47 27.47 -10.99
CA LEU B 357 17.07 27.83 -11.21
C LEU B 357 16.43 28.35 -9.92
N GLU B 358 16.76 27.74 -8.78
CA GLU B 358 16.25 28.24 -7.51
C GLU B 358 16.73 29.65 -7.23
N LYS B 359 17.90 30.02 -7.74
CA LYS B 359 18.46 31.35 -7.54
C LYS B 359 18.00 32.35 -8.60
N CYS B 360 17.95 31.92 -9.86
CA CYS B 360 17.71 32.86 -10.95
C CYS B 360 16.22 33.18 -11.11
N CYS B 361 15.35 32.18 -10.94
CA CYS B 361 13.93 32.40 -11.20
C CYS B 361 13.28 33.34 -10.21
N ALA B 362 13.95 33.65 -9.10
CA ALA B 362 13.47 34.66 -8.16
C ALA B 362 13.91 36.07 -8.54
N ALA B 363 14.84 36.20 -9.48
CA ALA B 363 15.31 37.51 -9.89
C ALA B 363 14.35 38.14 -10.91
N ALA B 364 14.50 39.45 -11.11
CA ALA B 364 13.62 40.16 -12.03
C ALA B 364 13.87 39.76 -13.48
N ASP B 365 15.13 39.49 -13.83
CA ASP B 365 15.53 39.07 -15.17
C ASP B 365 16.13 37.66 -15.05
N PRO B 366 15.28 36.62 -15.02
CA PRO B 366 15.84 35.27 -14.89
C PRO B 366 16.64 34.82 -16.10
N HIS B 367 16.19 35.18 -17.30
CA HIS B 367 16.86 34.71 -18.51
C HIS B 367 18.31 35.18 -18.57
N GLU B 368 18.55 36.42 -18.15
CA GLU B 368 19.93 36.91 -18.07
C GLU B 368 20.72 36.19 -16.99
N CYS B 369 20.05 35.73 -15.94
CA CYS B 369 20.75 35.11 -14.82
C CYS B 369 21.24 33.71 -15.17
N TYR B 370 20.35 32.85 -15.68
CA TYR B 370 20.71 31.48 -15.99
C TYR B 370 21.15 31.30 -17.45
N ALA B 371 21.54 32.37 -18.13
CA ALA B 371 21.98 32.26 -19.51
C ALA B 371 23.32 31.55 -19.64
N LYS B 372 24.14 31.55 -18.59
CA LYS B 372 25.47 30.95 -18.62
C LYS B 372 25.56 29.71 -17.73
N VAL B 373 24.46 28.95 -17.61
CA VAL B 373 24.50 27.75 -16.78
C VAL B 373 25.33 26.65 -17.44
N PHE B 374 25.28 26.57 -18.77
CA PHE B 374 26.03 25.53 -19.46
C PHE B 374 27.54 25.78 -19.42
N ASP B 375 27.96 27.02 -19.17
CA ASP B 375 29.38 27.27 -18.92
C ASP B 375 29.83 26.62 -17.61
N GLU B 376 28.95 26.56 -16.61
CA GLU B 376 29.29 25.90 -15.37
C GLU B 376 29.40 24.39 -15.52
N PHE B 377 28.81 23.82 -16.57
CA PHE B 377 28.90 22.39 -16.80
C PHE B 377 30.25 21.95 -17.35
N LYS B 378 30.99 22.86 -17.98
CA LYS B 378 32.28 22.49 -18.58
C LYS B 378 33.31 22.05 -17.55
N PRO B 379 33.57 22.79 -16.47
CA PRO B 379 34.57 22.29 -15.50
C PRO B 379 34.14 21.02 -14.79
N LEU B 380 32.83 20.82 -14.60
CA LEU B 380 32.36 19.60 -13.94
C LEU B 380 32.56 18.38 -14.83
N VAL B 381 32.44 18.55 -16.15
CA VAL B 381 32.64 17.42 -17.06
C VAL B 381 34.12 17.13 -17.26
N GLU B 382 34.94 18.18 -17.37
CA GLU B 382 36.37 18.00 -17.63
C GLU B 382 37.11 17.39 -16.44
N GLU B 383 36.60 17.56 -15.23
CA GLU B 383 37.32 17.06 -14.05
C GLU B 383 37.47 15.54 -14.07
N PRO B 384 36.41 14.75 -14.26
CA PRO B 384 36.64 13.29 -14.37
C PRO B 384 37.27 12.88 -15.68
N GLN B 385 37.06 13.64 -16.76
CA GLN B 385 37.69 13.32 -18.03
C GLN B 385 39.21 13.43 -17.95
N ASN B 386 39.71 14.48 -17.29
CA ASN B 386 41.15 14.65 -17.17
C ASN B 386 41.74 13.63 -16.21
N LEU B 387 41.02 13.30 -15.14
CA LEU B 387 41.52 12.30 -14.19
C LEU B 387 41.65 10.94 -14.85
N ILE B 388 40.73 10.59 -15.75
CA ILE B 388 40.84 9.35 -16.49
C ILE B 388 42.04 9.39 -17.43
N LYS B 389 42.26 10.53 -18.08
CA LYS B 389 43.40 10.67 -18.98
C LYS B 389 44.72 10.52 -18.23
N GLN B 390 44.83 11.15 -17.06
CA GLN B 390 46.09 11.10 -16.30
C GLN B 390 46.36 9.70 -15.77
N ASN B 391 45.36 9.07 -15.15
CA ASN B 391 45.59 7.78 -14.51
C ASN B 391 45.79 6.68 -15.54
N CYS B 392 45.05 6.72 -16.65
CA CYS B 392 45.22 5.69 -17.67
C CYS B 392 46.53 5.83 -18.41
N GLU B 393 47.03 7.06 -18.58
CA GLU B 393 48.36 7.24 -19.13
C GLU B 393 49.43 6.71 -18.17
N LEU B 394 49.28 7.01 -16.88
CA LEU B 394 50.24 6.50 -15.90
C LEU B 394 50.18 4.99 -15.79
N PHE B 395 48.99 4.40 -15.95
CA PHE B 395 48.89 2.94 -15.92
C PHE B 395 49.53 2.31 -17.16
N GLU B 396 49.42 2.98 -18.31
CA GLU B 396 50.00 2.42 -19.53
C GLU B 396 51.52 2.57 -19.54
N GLN B 397 52.03 3.70 -19.03
CA GLN B 397 53.48 3.87 -18.95
C GLN B 397 54.09 2.87 -17.98
N LEU B 398 53.45 2.65 -16.84
CA LEU B 398 53.91 1.68 -15.86
C LEU B 398 53.17 0.36 -16.10
N GLY B 399 53.11 -0.50 -15.08
CA GLY B 399 52.28 -1.68 -15.09
C GLY B 399 51.29 -1.64 -13.94
N GLU B 400 50.45 -2.68 -13.89
CA GLU B 400 49.47 -2.76 -12.81
C GLU B 400 50.14 -2.75 -11.45
N TYR B 401 51.26 -3.47 -11.31
CA TYR B 401 51.98 -3.50 -10.04
C TYR B 401 52.64 -2.16 -9.74
N LYS B 402 53.30 -1.58 -10.74
CA LYS B 402 53.92 -0.27 -10.54
C LYS B 402 52.88 0.83 -10.37
N PHE B 403 51.73 0.70 -11.03
CA PHE B 403 50.67 1.69 -10.84
C PHE B 403 50.09 1.60 -9.44
N GLN B 404 49.99 0.39 -8.89
CA GLN B 404 49.54 0.24 -7.51
C GLN B 404 50.51 0.88 -6.53
N ASN B 405 51.81 0.75 -6.78
CA ASN B 405 52.80 1.35 -5.89
C ASN B 405 52.76 2.87 -5.96
N ALA B 406 52.51 3.43 -7.15
CA ALA B 406 52.37 4.87 -7.27
C ALA B 406 51.17 5.38 -6.47
N LEU B 407 50.03 4.69 -6.58
CA LEU B 407 48.88 5.03 -5.75
C LEU B 407 49.16 4.77 -4.28
N LEU B 408 49.98 3.76 -3.98
CA LEU B 408 50.27 3.42 -2.59
C LEU B 408 51.03 4.53 -1.89
N VAL B 409 52.06 5.08 -2.55
CA VAL B 409 52.81 6.18 -1.97
C VAL B 409 51.96 7.44 -1.89
N ARG B 410 51.15 7.69 -2.92
CA ARG B 410 50.35 8.92 -2.97
C ARG B 410 49.32 8.95 -1.85
N TYR B 411 48.57 7.85 -1.68
CA TYR B 411 47.50 7.83 -0.69
C TYR B 411 48.00 7.64 0.73
N THR B 412 49.21 7.10 0.90
CA THR B 412 49.81 7.05 2.24
C THR B 412 50.22 8.44 2.70
N LYS B 413 50.76 9.26 1.80
CA LYS B 413 51.08 10.63 2.14
C LYS B 413 49.83 11.44 2.46
N LYS B 414 48.73 11.17 1.76
CA LYS B 414 47.51 11.94 1.96
C LYS B 414 46.88 11.65 3.31
N VAL B 415 46.63 10.37 3.60
CA VAL B 415 46.02 9.99 4.86
C VAL B 415 46.81 8.82 5.47
N PRO B 416 47.91 9.09 6.17
CA PRO B 416 48.69 8.01 6.77
C PRO B 416 48.09 7.44 8.04
N GLN B 417 47.02 8.04 8.58
CA GLN B 417 46.37 7.48 9.75
C GLN B 417 45.69 6.15 9.46
N VAL B 418 45.34 5.90 8.19
CA VAL B 418 44.74 4.62 7.82
C VAL B 418 45.77 3.50 8.00
N SER B 419 45.31 2.35 8.47
CA SER B 419 46.20 1.23 8.73
C SER B 419 46.89 0.77 7.45
N THR B 420 47.99 0.03 7.64
CA THR B 420 48.76 -0.44 6.48
C THR B 420 47.98 -1.44 5.63
N PRO B 421 47.34 -2.48 6.19
CA PRO B 421 46.61 -3.42 5.31
C PRO B 421 45.45 -2.77 4.56
N THR B 422 44.80 -1.78 5.16
CA THR B 422 43.73 -1.08 4.45
C THR B 422 44.26 -0.26 3.29
N LEU B 423 45.40 0.41 3.50
CA LEU B 423 46.02 1.18 2.41
C LEU B 423 46.50 0.26 1.29
N VAL B 424 46.95 -0.95 1.63
CA VAL B 424 47.46 -1.86 0.60
C VAL B 424 46.31 -2.39 -0.26
N GLU B 425 45.27 -2.95 0.38
CA GLU B 425 44.19 -3.57 -0.37
C GLU B 425 43.45 -2.54 -1.22
N VAL B 426 43.21 -1.35 -0.67
CA VAL B 426 42.49 -0.33 -1.42
C VAL B 426 43.31 0.11 -2.64
N SER B 427 44.61 0.34 -2.45
CA SER B 427 45.47 0.73 -3.56
C SER B 427 45.56 -0.38 -4.60
N ARG B 428 45.57 -1.63 -4.15
CA ARG B 428 45.60 -2.75 -5.10
C ARG B 428 44.31 -2.85 -5.89
N ASN B 429 43.17 -2.57 -5.24
CA ASN B 429 41.89 -2.62 -5.95
C ASN B 429 41.74 -1.43 -6.88
N LEU B 430 42.21 -0.25 -6.46
CA LEU B 430 42.18 0.92 -7.33
C LEU B 430 43.05 0.72 -8.56
N GLY B 431 44.17 0.00 -8.41
CA GLY B 431 44.98 -0.33 -9.56
C GLY B 431 44.28 -1.27 -10.52
N LYS B 432 43.47 -2.19 -9.99
CA LYS B 432 42.70 -3.08 -10.85
C LYS B 432 41.57 -2.35 -11.57
N VAL B 433 41.09 -1.23 -11.03
CA VAL B 433 40.13 -0.41 -11.75
C VAL B 433 40.77 0.16 -13.02
N GLY B 434 42.04 0.55 -12.92
CA GLY B 434 42.73 1.05 -14.11
C GLY B 434 42.94 -0.02 -15.15
N SER B 435 43.34 -1.23 -14.71
CA SER B 435 43.57 -2.31 -15.66
C SER B 435 42.30 -2.80 -16.33
N LYS B 436 41.14 -2.53 -15.73
CA LYS B 436 39.88 -3.01 -16.26
C LYS B 436 39.09 -1.94 -17.02
N CYS B 437 39.34 -0.66 -16.74
CA CYS B 437 38.61 0.41 -17.41
C CYS B 437 39.43 1.17 -18.44
N CYS B 438 40.76 1.24 -18.27
CA CYS B 438 41.58 1.92 -19.27
C CYS B 438 41.71 1.11 -20.55
N LYS B 439 41.39 -0.19 -20.51
CA LYS B 439 41.37 -1.01 -21.71
C LYS B 439 40.12 -0.76 -22.56
N HIS B 440 39.11 -0.09 -22.01
CA HIS B 440 37.94 0.30 -22.77
C HIS B 440 38.23 1.57 -23.56
N PRO B 441 37.45 1.83 -24.61
CA PRO B 441 37.54 3.13 -25.28
C PRO B 441 37.16 4.26 -24.34
N GLU B 442 37.58 5.48 -24.70
CA GLU B 442 37.37 6.63 -23.82
C GLU B 442 35.91 6.84 -23.49
N ALA B 443 35.00 6.57 -24.44
CA ALA B 443 33.58 6.72 -24.19
C ALA B 443 33.05 5.74 -23.16
N LYS B 444 33.74 4.61 -22.96
CA LYS B 444 33.31 3.59 -22.00
C LYS B 444 34.04 3.69 -20.68
N ARG B 445 34.99 4.62 -20.54
CA ARG B 445 35.87 4.62 -19.37
C ARG B 445 35.19 5.20 -18.14
N MET B 446 34.49 6.33 -18.29
CA MET B 446 33.89 6.97 -17.12
C MET B 446 32.76 6.14 -16.53
N PRO B 447 31.85 5.56 -17.34
CA PRO B 447 30.89 4.61 -16.75
C PRO B 447 31.57 3.42 -16.10
N CYS B 448 32.62 2.88 -16.71
CA CYS B 448 33.35 1.77 -16.12
C CYS B 448 33.95 2.16 -14.78
N ALA B 449 34.63 3.31 -14.73
CA ALA B 449 35.29 3.73 -13.51
C ALA B 449 34.28 3.94 -12.38
N GLU B 450 33.12 4.52 -12.70
CA GLU B 450 32.12 4.77 -11.67
C GLU B 450 31.69 3.49 -10.97
N ASP B 451 31.46 2.42 -11.73
CA ASP B 451 30.98 1.18 -11.15
C ASP B 451 32.03 0.55 -10.24
N TYR B 452 33.28 0.49 -10.71
CA TYR B 452 34.33 -0.17 -9.93
C TYR B 452 34.81 0.72 -8.77
N LEU B 453 34.86 2.04 -8.96
CA LEU B 453 35.27 2.91 -7.86
C LEU B 453 34.23 2.93 -6.75
N SER B 454 32.95 2.79 -7.09
CA SER B 454 31.90 2.88 -6.07
C SER B 454 32.02 1.74 -5.06
N VAL B 455 32.34 0.53 -5.51
CA VAL B 455 32.45 -0.57 -4.58
C VAL B 455 33.78 -0.51 -3.80
N VAL B 456 34.83 0.01 -4.42
CA VAL B 456 36.10 0.13 -3.71
C VAL B 456 36.04 1.25 -2.68
N LEU B 457 35.40 2.38 -3.03
CA LEU B 457 35.28 3.47 -2.08
C LEU B 457 34.34 3.13 -0.94
N ASN B 458 33.33 2.30 -1.20
CA ASN B 458 32.40 1.94 -0.14
C ASN B 458 32.98 0.89 0.80
N GLN B 459 33.72 -0.09 0.26
CA GLN B 459 34.37 -1.07 1.12
C GLN B 459 35.43 -0.42 1.99
N LEU B 460 36.07 0.65 1.50
CA LEU B 460 36.95 1.44 2.36
C LEU B 460 36.17 2.14 3.45
N CYS B 461 35.02 2.71 3.11
CA CYS B 461 34.21 3.41 4.09
C CYS B 461 33.59 2.45 5.10
N VAL B 462 33.10 1.30 4.64
CA VAL B 462 32.52 0.31 5.54
C VAL B 462 33.55 -0.19 6.53
N LEU B 463 34.77 -0.48 6.05
CA LEU B 463 35.82 -0.92 6.94
C LEU B 463 36.31 0.20 7.84
N HIS B 464 36.32 1.44 7.35
CA HIS B 464 36.73 2.57 8.17
C HIS B 464 35.65 2.99 9.15
N GLU B 465 34.38 2.78 8.82
CA GLU B 465 33.31 3.12 9.75
C GLU B 465 33.35 2.25 10.99
N LYS B 466 33.88 1.03 10.88
CA LYS B 466 33.99 0.15 12.03
C LYS B 466 35.14 0.56 12.94
N THR B 467 36.27 0.94 12.37
CA THR B 467 37.44 1.41 13.12
C THR B 467 37.85 2.77 12.56
N PRO B 468 37.17 3.84 12.97
CA PRO B 468 37.49 5.17 12.43
C PRO B 468 38.81 5.70 12.98
N VAL B 469 39.68 6.13 12.07
CA VAL B 469 40.98 6.68 12.45
C VAL B 469 41.28 8.02 11.79
N SER B 470 40.54 8.43 10.76
CA SER B 470 40.82 9.66 10.02
C SER B 470 39.55 10.50 9.95
N ASP B 471 39.68 11.79 10.26
CA ASP B 471 38.53 12.69 10.15
C ASP B 471 38.23 13.03 8.70
N ARG B 472 39.26 13.09 7.85
CA ARG B 472 39.06 13.41 6.45
C ARG B 472 38.42 12.25 5.70
N VAL B 473 38.74 11.01 6.06
CA VAL B 473 38.10 9.87 5.45
C VAL B 473 36.65 9.76 5.89
N THR B 474 36.39 9.97 7.19
CA THR B 474 35.01 9.99 7.68
C THR B 474 34.22 11.12 7.04
N LYS B 475 34.87 12.26 6.79
CA LYS B 475 34.20 13.37 6.12
C LYS B 475 33.76 12.98 4.71
N CYS B 476 34.64 12.34 3.95
CA CYS B 476 34.29 11.95 2.59
C CYS B 476 33.34 10.77 2.56
N CYS B 477 33.38 9.91 3.59
CA CYS B 477 32.48 8.76 3.63
C CYS B 477 31.06 9.15 4.02
N THR B 478 30.90 10.22 4.79
CA THR B 478 29.58 10.71 5.16
C THR B 478 29.03 11.75 4.19
N GLU B 479 29.80 12.11 3.16
CA GLU B 479 29.35 13.07 2.18
C GLU B 479 28.25 12.46 1.30
N SER B 480 27.67 13.29 0.44
CA SER B 480 26.67 12.82 -0.49
C SER B 480 27.29 11.82 -1.46
N LEU B 481 26.44 10.92 -1.98
CA LEU B 481 26.92 9.90 -2.90
C LEU B 481 27.44 10.49 -4.20
N VAL B 482 27.06 11.73 -4.54
CA VAL B 482 27.54 12.36 -5.76
C VAL B 482 28.86 13.09 -5.56
N ASN B 483 29.22 13.42 -4.32
CA ASN B 483 30.46 14.12 -4.02
C ASN B 483 31.42 13.28 -3.20
N ARG B 484 31.17 11.97 -3.06
CA ARG B 484 32.08 11.11 -2.32
C ARG B 484 33.42 11.00 -3.04
N ARG B 485 33.40 10.67 -4.33
CA ARG B 485 34.65 10.57 -5.09
C ARG B 485 35.36 11.91 -5.20
N PRO B 486 34.71 13.02 -5.55
CA PRO B 486 35.43 14.31 -5.57
C PRO B 486 35.99 14.70 -4.21
N CYS B 487 35.37 14.25 -3.13
CA CYS B 487 35.93 14.51 -1.80
C CYS B 487 37.24 13.76 -1.60
N PHE B 488 37.28 12.48 -2.00
CA PHE B 488 38.53 11.72 -1.90
C PHE B 488 39.60 12.29 -2.83
N SER B 489 39.20 12.79 -3.99
CA SER B 489 40.16 13.43 -4.90
C SER B 489 40.67 14.76 -4.34
N ALA B 490 39.92 15.39 -3.44
CA ALA B 490 40.34 16.64 -2.83
C ALA B 490 41.27 16.45 -1.64
N LEU B 491 41.55 15.22 -1.26
CA LEU B 491 42.48 14.96 -0.16
C LEU B 491 43.89 15.38 -0.56
N GLU B 492 44.57 16.10 0.32
CA GLU B 492 45.93 16.56 0.10
C GLU B 492 46.87 15.91 1.10
N VAL B 493 48.17 16.17 0.90
CA VAL B 493 49.19 15.58 1.78
C VAL B 493 49.01 16.10 3.20
N ASP B 494 48.99 15.17 4.16
CA ASP B 494 48.82 15.53 5.57
C ASP B 494 50.06 16.28 6.05
N GLU B 495 49.93 17.59 6.23
CA GLU B 495 51.03 18.41 6.71
C GLU B 495 51.24 18.30 8.21
N THR B 496 50.21 17.93 8.96
CA THR B 496 50.27 17.87 10.42
C THR B 496 50.60 16.47 10.94
N TYR B 497 50.91 15.52 10.05
CA TYR B 497 51.18 14.16 10.48
C TYR B 497 52.58 14.04 11.06
N VAL B 498 52.68 13.41 12.22
CA VAL B 498 53.96 13.13 12.86
C VAL B 498 54.49 11.81 12.31
N PRO B 499 55.74 11.75 11.87
CA PRO B 499 56.27 10.50 11.29
C PRO B 499 56.22 9.35 12.29
N LYS B 500 55.99 8.15 11.76
CA LYS B 500 55.91 6.95 12.57
C LYS B 500 57.31 6.49 12.97
N GLU B 501 57.43 6.02 14.21
CA GLU B 501 58.73 5.59 14.73
C GLU B 501 59.24 4.37 13.96
N PHE B 502 60.54 4.33 13.75
CA PHE B 502 61.15 3.23 13.02
C PHE B 502 61.09 1.94 13.82
N ASN B 503 60.82 0.84 13.13
CA ASN B 503 60.80 -0.49 13.73
C ASN B 503 61.70 -1.41 12.91
N ALA B 504 62.59 -2.13 13.61
CA ALA B 504 63.54 -2.99 12.92
C ALA B 504 62.85 -4.18 12.26
N GLU B 505 61.91 -4.80 12.97
CA GLU B 505 61.22 -5.97 12.41
C GLU B 505 60.38 -5.61 11.19
N THR B 506 59.95 -4.35 11.09
CA THR B 506 59.19 -3.91 9.92
C THR B 506 60.05 -3.95 8.67
N PHE B 507 61.25 -3.37 8.74
CA PHE B 507 62.19 -3.35 7.62
C PHE B 507 63.10 -4.57 7.59
N THR B 508 62.73 -5.65 8.28
CA THR B 508 63.51 -6.88 8.32
C THR B 508 62.83 -7.93 7.44
N PHE B 509 63.51 -8.34 6.37
CA PHE B 509 63.02 -9.36 5.47
C PHE B 509 63.95 -10.55 5.46
N HIS B 510 63.39 -11.73 5.27
CA HIS B 510 64.14 -12.98 5.26
C HIS B 510 64.13 -13.59 3.87
N ALA B 511 64.75 -14.75 3.73
CA ALA B 511 64.79 -15.46 2.46
C ALA B 511 63.48 -16.19 2.15
N ASP B 512 62.51 -16.18 3.08
CA ASP B 512 61.26 -16.87 2.85
C ASP B 512 60.38 -16.16 1.83
N ILE B 513 60.62 -14.87 1.57
CA ILE B 513 59.80 -14.15 0.61
C ILE B 513 60.01 -14.68 -0.80
N CYS B 514 61.19 -15.24 -1.08
CA CYS B 514 61.45 -15.81 -2.40
C CYS B 514 60.76 -17.15 -2.62
N THR B 515 60.17 -17.72 -1.57
CA THR B 515 59.36 -18.93 -1.72
C THR B 515 57.88 -18.63 -1.86
N LEU B 516 57.45 -17.43 -1.49
CA LEU B 516 56.06 -17.05 -1.63
C LEU B 516 55.69 -16.88 -3.11
N SER B 517 54.38 -16.93 -3.37
CA SER B 517 53.90 -16.70 -4.72
C SER B 517 54.10 -15.23 -5.10
N GLU B 518 54.15 -14.98 -6.41
CA GLU B 518 54.40 -13.62 -6.91
C GLU B 518 53.36 -12.63 -6.40
N LYS B 519 52.14 -13.09 -6.13
CA LYS B 519 51.12 -12.20 -5.57
C LYS B 519 51.42 -11.90 -4.10
N GLU B 520 51.78 -12.92 -3.32
CA GLU B 520 52.07 -12.70 -1.91
C GLU B 520 53.37 -11.91 -1.73
N ARG B 521 54.31 -12.03 -2.67
CA ARG B 521 55.53 -11.24 -2.58
C ARG B 521 55.23 -9.76 -2.77
N GLN B 522 54.28 -9.44 -3.65
CA GLN B 522 53.90 -8.04 -3.85
C GLN B 522 53.26 -7.47 -2.59
N ILE B 523 52.42 -8.25 -1.90
CA ILE B 523 51.77 -7.78 -0.70
C ILE B 523 52.80 -7.45 0.38
N LYS B 524 53.82 -8.31 0.52
CA LYS B 524 54.86 -8.05 1.51
C LYS B 524 55.72 -6.85 1.11
N LYS B 525 56.00 -6.71 -0.19
CA LYS B 525 56.79 -5.57 -0.64
C LYS B 525 55.96 -4.28 -0.59
N GLN B 526 54.66 -4.37 -0.88
CA GLN B 526 53.81 -3.19 -0.76
C GLN B 526 53.55 -2.82 0.69
N THR B 527 53.53 -3.81 1.58
CA THR B 527 53.37 -3.51 3.01
C THR B 527 54.57 -2.74 3.53
N ALA B 528 55.79 -3.15 3.15
CA ALA B 528 56.99 -2.44 3.57
C ALA B 528 57.09 -1.06 2.93
N LEU B 529 56.40 -0.83 1.81
CA LEU B 529 56.44 0.48 1.18
C LEU B 529 55.56 1.48 1.92
N VAL B 530 54.42 1.02 2.46
CA VAL B 530 53.56 1.90 3.25
C VAL B 530 54.26 2.36 4.51
N GLU B 531 54.86 1.41 5.25
CA GLU B 531 55.61 1.77 6.45
C GLU B 531 56.80 2.66 6.12
N LEU B 532 57.38 2.50 4.94
CA LEU B 532 58.47 3.37 4.52
C LEU B 532 58.00 4.81 4.35
N VAL B 533 56.81 4.99 3.75
CA VAL B 533 56.28 6.34 3.57
C VAL B 533 55.77 6.90 4.90
N LYS B 534 55.18 6.05 5.73
CA LYS B 534 54.71 6.49 7.04
C LYS B 534 55.85 6.96 7.93
N HIS B 535 57.04 6.38 7.75
CA HIS B 535 58.20 6.78 8.54
C HIS B 535 58.89 8.01 7.96
N LYS B 536 58.88 8.15 6.64
CA LYS B 536 59.49 9.29 5.94
C LYS B 536 58.43 9.94 5.07
N PRO B 537 57.55 10.75 5.67
CA PRO B 537 56.48 11.37 4.86
C PRO B 537 57.00 12.40 3.88
N LYS B 538 58.03 13.17 4.25
CA LYS B 538 58.59 14.20 3.39
C LYS B 538 59.61 13.66 2.40
N ALA B 539 59.71 12.34 2.25
CA ALA B 539 60.63 11.76 1.29
C ALA B 539 60.14 12.02 -0.14
N THR B 540 61.00 12.57 -0.97
CA THR B 540 60.63 12.91 -2.34
C THR B 540 60.57 11.66 -3.20
N LYS B 541 60.09 11.84 -4.44
CA LYS B 541 59.96 10.71 -5.35
C LYS B 541 61.31 10.18 -5.82
N GLU B 542 62.32 11.06 -5.89
CA GLU B 542 63.65 10.60 -6.27
C GLU B 542 64.31 9.78 -5.16
N GLN B 543 64.05 10.12 -3.90
CA GLN B 543 64.61 9.36 -2.80
C GLN B 543 63.93 8.01 -2.66
N LEU B 544 62.61 7.96 -2.83
CA LEU B 544 61.90 6.69 -2.74
C LEU B 544 62.26 5.77 -3.91
N LYS B 545 62.48 6.35 -5.09
CA LYS B 545 62.89 5.56 -6.24
C LYS B 545 64.24 4.89 -6.00
N ALA B 546 65.17 5.60 -5.36
CA ALA B 546 66.48 5.02 -5.08
C ALA B 546 66.37 3.92 -4.02
N VAL B 547 65.52 4.10 -3.02
CA VAL B 547 65.36 3.08 -2.00
C VAL B 547 64.67 1.85 -2.58
N MET B 548 63.65 2.06 -3.41
CA MET B 548 62.96 0.92 -4.03
C MET B 548 63.88 0.19 -5.01
N ASP B 549 64.77 0.91 -5.70
CA ASP B 549 65.72 0.25 -6.59
C ASP B 549 66.75 -0.53 -5.81
N ASP B 550 67.17 -0.02 -4.66
CA ASP B 550 68.09 -0.77 -3.81
C ASP B 550 67.42 -2.01 -3.22
N PHE B 551 66.12 -1.94 -2.94
CA PHE B 551 65.41 -3.12 -2.47
C PHE B 551 65.23 -4.16 -3.56
N ALA B 552 65.11 -3.72 -4.82
CA ALA B 552 64.98 -4.66 -5.92
C ALA B 552 66.27 -5.46 -6.12
N ALA B 553 67.41 -4.80 -6.02
CA ALA B 553 68.70 -5.47 -6.11
C ALA B 553 69.05 -6.25 -4.85
N PHE B 554 68.49 -5.85 -3.70
CA PHE B 554 68.77 -6.56 -2.46
C PHE B 554 68.11 -7.94 -2.46
N VAL B 555 66.83 -7.99 -2.85
CA VAL B 555 66.12 -9.26 -2.89
C VAL B 555 66.68 -10.16 -3.99
N GLU B 556 67.04 -9.57 -5.13
CA GLU B 556 67.55 -10.37 -6.25
C GLU B 556 68.91 -10.98 -5.92
N LYS B 557 69.75 -10.25 -5.19
CA LYS B 557 71.10 -10.75 -4.91
C LYS B 557 71.11 -11.78 -3.79
N CYS B 558 70.28 -11.58 -2.77
CA CYS B 558 70.30 -12.50 -1.63
C CYS B 558 69.70 -13.86 -1.98
N CYS B 559 68.74 -13.90 -2.89
CA CYS B 559 68.15 -15.17 -3.31
C CYS B 559 68.82 -15.67 -4.59
N ASP B 563 74.91 -18.91 0.43
CA ASP B 563 74.12 -18.75 1.65
C ASP B 563 73.05 -17.69 1.44
N LYS B 564 71.84 -18.11 1.08
CA LYS B 564 70.77 -17.17 0.84
C LYS B 564 70.16 -16.64 2.13
N GLU B 565 70.33 -17.35 3.25
CA GLU B 565 69.74 -16.93 4.51
C GLU B 565 70.56 -15.83 5.17
N THR B 566 71.88 -16.02 5.25
CA THR B 566 72.75 -15.04 5.90
C THR B 566 72.87 -13.74 5.11
N CYS B 567 72.45 -13.72 3.85
CA CYS B 567 72.53 -12.49 3.06
C CYS B 567 71.50 -11.47 3.51
N PHE B 568 70.28 -11.92 3.80
CA PHE B 568 69.20 -11.00 4.14
C PHE B 568 69.49 -10.25 5.44
N ALA B 569 70.19 -10.89 6.39
CA ALA B 569 70.51 -10.24 7.65
C ALA B 569 71.70 -9.31 7.55
N GLU B 570 72.58 -9.52 6.57
CA GLU B 570 73.78 -8.69 6.41
C GLU B 570 73.52 -7.48 5.53
N GLU B 571 73.09 -7.72 4.28
CA GLU B 571 72.80 -6.61 3.39
C GLU B 571 71.55 -5.85 3.80
N GLY B 572 70.64 -6.51 4.52
CA GLY B 572 69.45 -5.82 5.02
C GLY B 572 69.78 -4.80 6.08
N LYS B 573 70.90 -4.98 6.79
CA LYS B 573 71.31 -4.00 7.79
C LYS B 573 71.86 -2.74 7.13
N LYS B 574 72.61 -2.91 6.05
CA LYS B 574 73.17 -1.75 5.35
C LYS B 574 72.10 -0.98 4.60
N LEU B 575 71.04 -1.66 4.16
CA LEU B 575 69.98 -0.97 3.42
C LEU B 575 69.17 -0.06 4.34
N VAL B 576 68.93 -0.50 5.58
CA VAL B 576 68.15 0.31 6.52
C VAL B 576 68.96 1.54 6.94
N ALA B 577 70.25 1.37 7.19
CA ALA B 577 71.08 2.49 7.61
C ALA B 577 71.30 3.48 6.47
N ALA B 578 71.44 2.98 5.24
CA ALA B 578 71.62 3.87 4.11
C ALA B 578 70.34 4.64 3.80
N SER B 579 69.19 3.98 3.93
CA SER B 579 67.93 4.65 3.65
C SER B 579 67.57 5.66 4.74
N GLN B 580 67.93 5.38 5.99
CA GLN B 580 67.58 6.28 7.08
C GLN B 580 68.27 7.63 6.92
N ALA B 581 69.51 7.63 6.42
CA ALA B 581 70.25 8.86 6.21
C ALA B 581 69.94 9.53 4.88
N ALA B 582 69.08 8.93 4.06
CA ALA B 582 68.74 9.50 2.76
C ALA B 582 67.30 9.97 2.66
N LEU B 583 66.39 9.39 3.44
CA LEU B 583 64.98 9.75 3.36
C LEU B 583 64.66 10.98 4.21
N GLY B 584 65.26 11.07 5.39
CA GLY B 584 64.97 12.14 6.34
C GLY B 584 65.21 13.54 5.79
C1 9F2 C . -34.08 19.10 -4.17
S1 9F2 C . -33.28 19.77 -2.73
C2 9F2 C . -33.49 18.35 -1.60
C3 9F2 C . -34.67 17.47 -1.76
C4 9F2 C . -34.93 16.58 -0.61
S2 9F2 C . -33.39 15.60 -0.24
C5 9F2 C . -33.16 15.83 1.48
N1 9F2 C . -33.93 16.67 2.14
C6 9F2 C . -33.75 16.86 3.52
O1 9F2 C . -34.43 17.62 4.18
C7 9F2 C . -32.64 16.09 4.23
O2 9F2 C . -32.36 16.15 5.41
N2 9F2 C . -31.87 15.22 3.42
N3 9F2 C . -32.12 15.08 2.05
C8 9F2 C . -31.26 14.16 1.27
C9 9F2 C . -35.46 17.42 -2.88
N4 9F2 C . -35.34 18.46 -3.80
C10 9F2 C . -36.16 19.23 -4.64
O3 9F2 C . -37.33 19.28 -4.88
C11 9F2 C . -34.89 20.03 -5.14
N5 9F2 C . -34.86 21.44 -4.91
C12 9F2 C . -34.11 22.32 -5.66
O4 9F2 C . -33.40 21.98 -6.59
C13 9F2 C . -34.18 23.78 -5.30
N6 9F2 C . -33.72 24.13 -4.12
O5 9F2 C . -33.22 23.14 -3.35
C14 9F2 C . -31.85 23.14 -3.01
C15 9F2 C . -34.75 24.65 -6.32
C16 9F2 C . -34.92 24.36 -7.64
S3 9F2 C . -35.64 25.65 -8.48
C17 9F2 C . -35.69 26.57 -6.96
N7 9F2 C . -36.20 27.83 -6.91
N8 9F2 C . -35.19 25.92 -5.90
C18 9F2 C . -36.75 16.57 -3.04
O6 9F2 C . -37.63 16.79 -2.19
O7 9F2 C . -36.77 15.77 -3.99
C1 MYR D . -12.54 8.11 -1.23
O1 MYR D . -12.06 6.98 -1.44
O2 MYR D . -13.78 8.26 -1.22
C2 MYR D . -11.63 9.30 -0.98
C3 MYR D . -11.14 9.86 -2.31
C4 MYR D . -11.45 11.35 -2.45
C5 MYR D . -11.07 12.13 -1.19
C6 MYR D . -11.19 13.63 -1.41
C7 MYR D . -11.56 14.35 -0.12
C8 MYR D . -11.24 15.84 -0.19
C9 MYR D . -11.89 16.60 0.96
C10 MYR D . -11.29 17.99 1.12
C11 MYR D . -11.31 18.76 -0.19
C1 MYR E . -33.57 -10.20 11.00
O1 MYR E . -32.83 -11.22 10.98
O2 MYR E . -34.19 -9.92 12.05
C2 MYR E . -33.72 -9.37 9.75
C3 MYR E . -34.80 -9.93 8.84
C4 MYR E . -36.20 -9.80 9.44
C5 MYR E . -37.26 -10.09 8.39
C6 MYR E . -38.67 -9.98 8.96
C7 MYR E . -39.72 -10.13 7.87
C8 MYR E . -39.76 -8.91 6.95
C9 MYR E . -40.86 -9.06 5.91
C10 MYR E . -40.99 -7.79 5.06
C11 MYR E . -41.48 -6.62 5.91
C1 MYR F . -43.67 -8.77 11.77
O1 MYR F . -44.83 -8.39 11.48
O2 MYR F . -43.51 -9.55 12.74
C2 MYR F . -42.48 -8.30 10.96
C3 MYR F . -41.61 -7.40 11.83
C4 MYR F . -41.63 -5.97 11.32
C5 MYR F . -40.98 -5.03 12.33
C6 MYR F . -41.83 -4.89 13.58
C7 MYR F . -42.58 -3.57 13.60
C8 MYR F . -43.36 -3.40 14.89
C9 MYR F . -44.00 -2.02 14.96
C10 MYR F . -44.78 -1.82 16.26
C11 MYR F . -45.40 -0.42 16.32
C1 MYR G . -22.75 -8.97 19.49
O1 MYR G . -21.66 -8.38 19.62
O2 MYR G . -23.80 -8.29 19.43
C2 MYR G . -22.81 -10.48 19.41
C3 MYR G . -21.43 -11.03 19.07
C4 MYR G . -21.43 -12.55 19.08
C5 MYR G . -20.33 -13.10 18.18
C6 MYR G . -18.96 -12.59 18.60
C7 MYR G . -17.95 -12.70 17.47
C8 MYR G . -16.69 -11.92 17.80
C9 MYR G . -15.89 -11.57 16.54
C10 MYR G . -14.88 -10.48 16.87
C11 MYR G . -14.17 -9.99 15.61
C12 MYR G . -13.15 -11.00 15.11
C13 MYR G . -12.31 -10.41 13.99
C14 MYR G . -11.27 -11.40 13.49
C1 MYR H . -20.73 -2.99 4.61
O1 MYR H . -19.94 -3.39 5.50
O2 MYR H . -21.91 -2.70 4.92
C2 MYR H . -20.26 -2.84 3.19
C3 MYR H . -18.79 -3.25 3.09
C4 MYR H . -18.38 -3.45 1.64
C5 MYR H . -16.87 -3.47 1.49
C6 MYR H . -16.25 -2.17 2.01
C7 MYR H . -14.95 -1.86 1.28
C8 MYR H . -14.37 -0.52 1.72
C9 MYR H . -15.45 0.56 1.75
C10 MYR H . -14.87 1.90 2.17
C11 MYR H . -15.97 2.80 2.73
C12 MYR H . -16.45 2.30 4.08
C13 MYR H . -17.70 3.05 4.53
C14 MYR H . -18.86 2.81 3.57
C1 9F2 I . 33.90 -21.98 -5.69
S1 9F2 I . 32.85 -21.69 -4.29
C2 9F2 I . 33.00 -19.87 -4.22
C3 9F2 I . 34.29 -19.25 -4.61
C4 9F2 I . 34.44 -17.84 -4.19
S2 9F2 I . 32.94 -16.92 -4.76
C5 9F2 I . 32.39 -16.06 -3.31
N1 9F2 I . 33.01 -16.26 -2.17
C6 9F2 I . 32.58 -15.58 -1.01
O1 9F2 I . 33.10 -15.73 0.07
C7 9F2 I . 31.40 -14.60 -1.14
O2 9F2 I . 30.93 -13.95 -0.23
N2 9F2 I . 30.84 -14.48 -2.41
N3 9F2 I . 31.32 -15.19 -3.52
C8 9F2 I . 30.66 -15.00 -4.82
C9 9F2 I . 35.24 -19.85 -5.40
N4 9F2 I . 35.16 -21.22 -5.56
C10 9F2 I . 36.02 -22.33 -5.67
O3 9F2 I . 37.20 -22.50 -5.65
C11 9F2 I . 34.77 -23.28 -5.80
N5 9F2 I . 34.60 -24.28 -4.78
C12 9F2 I . 33.99 -25.50 -4.99
O4 9F2 I . 33.52 -25.86 -6.06
C13 9F2 I . 33.89 -26.42 -3.80
N6 9F2 I . 33.23 -25.96 -2.77
O5 9F2 I . 33.10 -26.73 -1.67
C14 9F2 I . 31.81 -27.19 -1.32
C15 9F2 I . 34.56 -27.72 -3.96
C16 9F2 I . 34.85 -28.33 -5.13
S3 9F2 I . 35.63 -29.83 -4.89
C17 9F2 I . 35.53 -29.55 -3.14
N7 9F2 I . 36.04 -30.47 -2.26
N8 9F2 I . 34.95 -28.41 -2.79
C18 9F2 I . 36.64 -19.25 -5.73
O6 9F2 I . 37.34 -18.98 -4.75
O7 9F2 I . 36.91 -19.13 -6.93
C1 MYR J . 12.44 -13.57 -12.82
O1 MYR J . 13.59 -13.09 -12.88
O2 MYR J . 11.64 -13.32 -13.74
C2 MYR J . 12.02 -14.43 -11.65
C3 MYR J . 11.38 -15.73 -12.14
C4 MYR J . 10.69 -16.45 -10.99
C5 MYR J . 11.68 -16.76 -9.87
C6 MYR J . 10.96 -17.36 -8.66
C7 MYR J . 11.96 -17.67 -7.55
C8 MYR J . 11.26 -18.28 -6.34
C9 MYR J . 10.62 -19.62 -6.68
C10 MYR J . 9.97 -20.25 -5.45
C11 MYR J . 9.32 -21.59 -5.78
C1 MYR K . 32.71 10.29 -11.12
O1 MYR K . 32.31 11.08 -12.01
O2 MYR K . 32.95 10.75 -9.98
C2 MYR K . 32.88 8.82 -11.41
C3 MYR K . 34.12 8.60 -12.28
C4 MYR K . 35.40 9.03 -11.57
C5 MYR K . 36.63 8.66 -12.40
C6 MYR K . 37.91 9.10 -11.73
C7 MYR K . 39.14 8.71 -12.55
C8 MYR K . 39.38 7.21 -12.50
C9 MYR K . 40.54 6.80 -13.40
C10 MYR K . 40.85 5.31 -13.29
C11 MYR K . 41.44 4.98 -11.93
C1 MYR L . 41.04 8.14 -8.44
O1 MYR L . 42.20 7.68 -8.53
O2 MYR L . 40.18 7.76 -9.25
C2 MYR L . 40.69 9.13 -7.35
C3 MYR L . 39.54 8.60 -6.52
C4 MYR L . 39.87 7.24 -5.91
C5 MYR L . 41.13 7.32 -5.05
C6 MYR L . 40.87 8.12 -3.77
C7 MYR L . 40.18 7.26 -2.72
C8 MYR L . 41.18 6.46 -1.90
C9 MYR L . 42.10 7.39 -1.11
C10 MYR L . 42.56 6.73 0.18
C11 MYR L . 43.22 5.39 -0.08
C1 MYR M . 5.74 -30.73 3.75
O1 MYR M . 6.22 -30.92 4.88
O2 MYR M . 4.56 -31.11 3.51
C2 MYR M . 6.55 -30.05 2.67
C3 MYR M . 5.83 -28.81 2.18
C4 MYR M . 6.84 -27.87 1.50
C5 MYR M . 6.16 -26.69 0.80
C6 MYR M . 7.20 -25.61 0.52
C7 MYR M . 6.78 -24.70 -0.63
C8 MYR M . 7.79 -23.57 -0.82
C9 MYR M . 7.38 -22.62 -1.92
C10 MYR M . 8.04 -21.26 -1.74
C11 MYR M . 9.55 -21.35 -1.95
C12 MYR M . 10.25 -20.17 -1.27
C13 MYR M . 9.59 -18.84 -1.64
C14 MYR M . 10.15 -17.71 -0.79
C1 MYR N . 22.06 -1.60 -13.75
O1 MYR N . 22.71 -2.39 -14.48
O2 MYR N . 22.06 -1.77 -12.52
C2 MYR N . 21.27 -0.48 -14.37
C3 MYR N . 19.79 -0.66 -14.05
C4 MYR N . 18.92 -0.09 -15.16
C5 MYR N . 19.26 -0.77 -16.50
C6 MYR N . 17.99 -1.21 -17.22
C7 MYR N . 17.24 -2.26 -16.40
C8 MYR N . 15.85 -2.50 -16.95
C9 MYR N . 15.27 -3.81 -16.43
C10 MYR N . 15.32 -3.87 -14.91
C11 MYR N . 15.01 -5.27 -14.40
C12 MYR N . 15.17 -5.35 -12.89
C13 MYR N . 16.59 -4.95 -12.47
C14 MYR N . 16.73 -4.92 -10.96
C1 MYR O . 20.75 14.17 -5.29
O1 MYR O . 20.66 14.99 -4.36
O2 MYR O . 21.37 13.10 -5.11
C2 MYR O . 20.10 14.44 -6.62
C3 MYR O . 20.61 15.77 -7.17
C4 MYR O . 19.98 16.07 -8.53
C5 MYR O . 18.46 16.10 -8.42
C6 MYR O . 17.82 15.95 -9.80
C7 MYR O . 16.35 15.54 -9.67
C8 MYR O . 15.83 15.02 -10.99
C9 MYR O . 14.39 14.53 -10.87
C10 MYR O . 14.27 13.40 -9.85
C11 MYR O . 12.93 12.70 -9.99
C12 MYR O . 12.82 12.03 -11.34
C13 MYR O . 11.39 11.56 -11.62
C14 MYR O . 10.45 12.75 -11.83
#